data_2VLL
#
_entry.id   2VLL
#
_cell.length_a   49.615
_cell.length_b   62.335
_cell.length_c   74.521
_cell.angle_alpha   82.33
_cell.angle_beta   76.44
_cell.angle_gamma   78.42
#
_symmetry.space_group_name_H-M   'P 1'
#
loop_
_entity.id
_entity.type
_entity.pdbx_description
1 polymer 'HLA CLASS I HISTOCOMPATIBILITY ANTIGEN, A-2 ALPHA CHAIN'
2 polymer BETA-2-MICROGLOBULIN
3 polymer 'FLU MATRIX PEPTIDE'
4 water water
#
loop_
_entity_poly.entity_id
_entity_poly.type
_entity_poly.pdbx_seq_one_letter_code
_entity_poly.pdbx_strand_id
1 'polypeptide(L)'
;GSHSMRYFFTSVSRPGRGEPRFIAVGYVDDTQFVRFDSDAASQRMEPRAPWIEQEGPEYWDGETRKVKAHSQTHRVDLGT
LRGYYNQSEAGSHTVQRMYGCDVGSDWRFLRGYHQYAYDGKDYIALKEDLRSWTAADMAAQTTKHKWEAAHVAEQLRAYL
EGTCVEWLRRYLENGKETLQRTDAPKTHMTHHAVSDHEATLRCWALSFYPAEITLTWQRDGEDQTQDTELVETRPAGDGT
FQKWAAVVVPSGQEQRYTCHVQHEGLPKPLTLRWEP
;
A,D
2 'polypeptide(L)'
;MIQRTPKIQVYSRHPAENGKSNFLNCYVSGFHPSDIEVDLLKNGERIEKVEHSDLSFSKDWSFYLLYYTEFTPTEKDEYA
CRVNHVTLSQPKIVKWDRDM
;
B,E
3 'polypeptide(L)' GILGFVFTL C,F
#
# COMPACT_ATOMS: atom_id res chain seq x y z
N GLY A 1 3.72 16.72 -17.74
CA GLY A 1 2.52 15.83 -17.76
C GLY A 1 2.86 14.47 -17.17
N SER A 2 2.13 13.46 -17.62
CA SER A 2 2.28 12.04 -17.26
C SER A 2 3.65 11.45 -17.65
N HIS A 3 4.13 10.50 -16.84
CA HIS A 3 5.38 9.82 -17.18
C HIS A 3 5.36 8.34 -16.82
N SER A 4 6.28 7.59 -17.41
CA SER A 4 6.32 6.16 -17.12
C SER A 4 7.75 5.68 -16.95
N MET A 5 7.94 4.64 -16.13
CA MET A 5 9.20 3.87 -16.13
C MET A 5 8.85 2.43 -16.45
N ARG A 6 9.59 1.82 -17.37
CA ARG A 6 9.29 0.43 -17.75
C ARG A 6 10.55 -0.34 -17.91
N TYR A 7 10.53 -1.58 -17.44
CA TYR A 7 11.63 -2.47 -17.70
C TYR A 7 11.11 -3.64 -18.53
N PHE A 8 11.94 -4.08 -19.47
CA PHE A 8 11.62 -5.13 -20.43
C PHE A 8 12.70 -6.17 -20.36
N PHE A 9 12.29 -7.41 -20.15
CA PHE A 9 13.25 -8.52 -20.08
C PHE A 9 12.89 -9.58 -21.09
N THR A 10 13.90 -10.06 -21.81
CA THR A 10 13.71 -11.14 -22.76
C THR A 10 14.72 -12.24 -22.45
N SER A 11 14.22 -13.47 -22.30
CA SER A 11 15.08 -14.60 -22.07
C SER A 11 14.79 -15.61 -23.17
N VAL A 12 15.83 -16.05 -23.89
CA VAL A 12 15.66 -16.98 -25.02
C VAL A 12 16.55 -18.20 -24.82
N SER A 13 15.93 -19.38 -24.75
CA SER A 13 16.71 -20.63 -24.64
C SER A 13 17.41 -20.96 -25.96
N ARG A 14 18.59 -21.55 -25.85
CA ARG A 14 19.43 -21.84 -26.99
C ARG A 14 19.97 -23.27 -26.80
N PRO A 15 19.11 -24.28 -26.97
CA PRO A 15 19.47 -25.69 -26.73
C PRO A 15 20.78 -26.05 -27.42
N GLY A 16 21.68 -26.68 -26.66
CA GLY A 16 23.00 -27.09 -27.17
C GLY A 16 23.93 -25.95 -27.56
N ARG A 17 23.45 -24.71 -27.41
CA ARG A 17 24.24 -23.55 -27.74
C ARG A 17 24.51 -22.74 -26.47
N GLY A 18 24.55 -23.42 -25.33
CA GLY A 18 24.91 -22.79 -24.07
C GLY A 18 23.74 -22.14 -23.33
N GLU A 19 24.06 -21.23 -22.42
CA GLU A 19 23.05 -20.63 -21.54
C GLU A 19 22.06 -19.78 -22.33
N PRO A 20 20.84 -19.62 -21.80
CA PRO A 20 19.87 -18.76 -22.49
C PRO A 20 20.39 -17.32 -22.62
N ARG A 21 19.95 -16.62 -23.67
CA ARG A 21 20.24 -15.21 -23.81
C ARG A 21 19.32 -14.46 -22.88
N PHE A 22 19.83 -13.41 -22.27
CA PHE A 22 18.98 -12.59 -21.41
C PHE A 22 19.33 -11.14 -21.69
N ILE A 23 18.31 -10.36 -22.05
CA ILE A 23 18.47 -8.95 -22.33
C ILE A 23 17.48 -8.20 -21.48
N ALA A 24 17.97 -7.19 -20.77
CA ALA A 24 17.10 -6.28 -19.96
C ALA A 24 17.30 -4.89 -20.50
N VAL A 25 16.22 -4.14 -20.65
CA VAL A 25 16.36 -2.73 -21.00
C VAL A 25 15.38 -1.94 -20.12
N GLY A 26 15.74 -0.72 -19.79
CA GLY A 26 14.86 0.12 -19.00
C GLY A 26 14.61 1.42 -19.74
N TYR A 27 13.37 1.91 -19.65
CA TYR A 27 12.98 3.18 -20.27
C TYR A 27 12.34 4.10 -19.28
N VAL A 28 12.57 5.41 -19.46
CA VAL A 28 11.65 6.38 -18.88
C VAL A 28 10.99 7.03 -20.07
N ASP A 29 9.65 7.03 -20.07
CA ASP A 29 8.91 7.44 -21.26
C ASP A 29 9.52 6.75 -22.48
N ASP A 30 9.89 7.51 -23.51
CA ASP A 30 10.42 6.88 -24.70
C ASP A 30 11.95 6.95 -24.76
N THR A 31 12.59 7.14 -23.60
CA THR A 31 14.05 7.25 -23.56
C THR A 31 14.64 6.03 -22.83
N GLN A 32 15.39 5.22 -23.56
CA GLN A 32 16.05 4.08 -22.93
C GLN A 32 17.13 4.63 -22.03
N PHE A 33 17.33 4.03 -20.87
CA PHE A 33 18.44 4.55 -20.01
C PHE A 33 19.39 3.49 -19.48
N VAL A 34 18.97 2.23 -19.49
CA VAL A 34 19.89 1.17 -19.07
C VAL A 34 19.73 -0.06 -19.94
N ARG A 35 20.77 -0.90 -19.94
CA ARG A 35 20.70 -2.24 -20.54
C ARG A 35 21.52 -3.25 -19.78
N PHE A 36 21.15 -4.53 -19.93
CA PHE A 36 22.01 -5.63 -19.54
C PHE A 36 21.90 -6.67 -20.63
N ASP A 37 23.02 -7.21 -21.04
CA ASP A 37 23.01 -8.27 -22.05
C ASP A 37 23.89 -9.41 -21.57
N SER A 38 23.28 -10.58 -21.37
CA SER A 38 23.99 -11.76 -20.87
C SER A 38 25.22 -12.12 -21.71
N ASP A 39 25.21 -11.76 -22.98
CA ASP A 39 26.27 -12.13 -23.92
C ASP A 39 27.36 -11.07 -24.03
N ALA A 40 27.17 -9.94 -23.35
CA ALA A 40 28.14 -8.86 -23.40
C ALA A 40 29.26 -9.18 -22.41
N ALA A 41 30.41 -8.54 -22.59
CA ALA A 41 31.59 -8.89 -21.80
C ALA A 41 31.53 -8.36 -20.36
N SER A 42 30.96 -7.17 -20.20
CA SER A 42 30.99 -6.47 -18.90
C SER A 42 30.25 -7.22 -17.80
N GLN A 43 29.12 -7.85 -18.17
CA GLN A 43 28.25 -8.53 -17.22
C GLN A 43 27.75 -7.52 -16.19
N ARG A 44 27.51 -6.31 -16.65
CA ARG A 44 26.97 -5.29 -15.76
C ARG A 44 25.81 -4.59 -16.40
N MET A 45 24.93 -4.06 -15.56
CA MET A 45 23.98 -3.05 -16.03
C MET A 45 24.75 -1.81 -16.51
N GLU A 46 24.37 -1.32 -17.69
CA GLU A 46 25.11 -0.26 -18.37
C GLU A 46 24.20 0.91 -18.66
N PRO A 47 24.75 2.13 -18.61
CA PRO A 47 23.99 3.33 -18.94
C PRO A 47 23.76 3.42 -20.44
N ARG A 48 22.56 3.86 -20.82
CA ARG A 48 22.26 4.15 -22.23
C ARG A 48 21.67 5.54 -22.46
N ALA A 49 21.72 6.39 -21.43
CA ALA A 49 21.29 7.78 -21.50
C ALA A 49 22.29 8.61 -20.71
N PRO A 50 22.55 9.86 -21.14
CA PRO A 50 23.59 10.61 -20.42
C PRO A 50 23.24 10.87 -18.94
N TRP A 51 21.98 11.17 -18.64
CA TRP A 51 21.62 11.60 -17.30
C TRP A 51 21.82 10.53 -16.24
N ILE A 52 21.73 9.25 -16.62
CA ILE A 52 21.92 8.15 -15.66
C ILE A 52 23.40 7.88 -15.36
N GLU A 53 24.29 8.39 -16.21
CA GLU A 53 25.72 8.16 -16.01
C GLU A 53 26.22 8.83 -14.72
N GLN A 54 25.43 9.77 -14.21
CA GLN A 54 25.79 10.51 -13.00
C GLN A 54 25.46 9.71 -11.73
N GLU A 55 24.72 8.62 -11.87
CA GLU A 55 24.48 7.75 -10.72
C GLU A 55 25.81 7.12 -10.36
N GLY A 56 26.01 6.90 -9.08
CA GLY A 56 27.32 6.41 -8.62
C GLY A 56 27.49 4.91 -8.69
N PRO A 57 28.65 4.40 -8.28
CA PRO A 57 28.90 2.97 -8.28
C PRO A 57 27.92 2.17 -7.42
N GLU A 58 27.40 2.76 -6.34
CA GLU A 58 26.45 2.01 -5.56
C GLU A 58 25.22 1.71 -6.44
N TYR A 59 24.83 2.67 -7.28
CA TYR A 59 23.67 2.43 -8.16
C TYR A 59 23.98 1.31 -9.14
N TRP A 60 25.11 1.44 -9.83
CA TRP A 60 25.49 0.45 -10.86
C TRP A 60 25.73 -0.94 -10.31
N ASP A 61 26.36 -1.02 -9.13
CA ASP A 61 26.60 -2.31 -8.55
C ASP A 61 25.28 -2.93 -8.13
N GLY A 62 24.38 -2.09 -7.62
CA GLY A 62 23.09 -2.57 -7.16
C GLY A 62 22.21 -3.04 -8.31
N GLU A 63 22.16 -2.22 -9.37
CA GLU A 63 21.37 -2.63 -10.54
C GLU A 63 21.96 -3.89 -11.17
N THR A 64 23.29 -3.99 -11.12
CA THR A 64 23.94 -5.19 -11.65
C THR A 64 23.60 -6.43 -10.87
N ARG A 65 23.65 -6.31 -9.54
CA ARG A 65 23.38 -7.45 -8.69
C ARG A 65 21.94 -7.91 -8.89
N LYS A 66 21.02 -6.95 -8.94
CA LYS A 66 19.59 -7.25 -9.07
C LYS A 66 19.27 -7.83 -10.46
N VAL A 67 19.89 -7.29 -11.51
CA VAL A 67 19.59 -7.78 -12.86
C VAL A 67 20.17 -9.19 -13.12
N LYS A 68 21.29 -9.49 -12.49
CA LYS A 68 21.80 -10.85 -12.53
C LYS A 68 20.85 -11.85 -11.87
N ALA A 69 20.22 -11.47 -10.75
CA ALA A 69 19.17 -12.27 -10.06
C ALA A 69 17.96 -12.46 -10.97
N HIS A 70 17.55 -11.41 -11.67
CA HIS A 70 16.51 -11.52 -12.68
C HIS A 70 16.90 -12.56 -13.75
N SER A 71 18.11 -12.44 -14.28
CA SER A 71 18.64 -13.37 -15.29
C SER A 71 18.57 -14.82 -14.82
N GLN A 72 19.05 -15.07 -13.59
CA GLN A 72 19.07 -16.43 -13.05
C GLN A 72 17.64 -16.99 -12.90
N THR A 73 16.74 -16.13 -12.43
CA THR A 73 15.33 -16.45 -12.27
C THR A 73 14.67 -16.85 -13.59
N HIS A 74 14.94 -16.10 -14.65
CA HIS A 74 14.41 -16.43 -15.98
C HIS A 74 15.06 -17.68 -16.58
N ARG A 75 16.33 -17.93 -16.26
CA ARG A 75 17.00 -19.16 -16.70
C ARG A 75 16.20 -20.33 -16.14
N VAL A 76 15.85 -20.24 -14.85
CA VAL A 76 15.02 -21.25 -14.21
C VAL A 76 13.64 -21.35 -14.86
N ASP A 77 13.00 -20.19 -15.07
CA ASP A 77 11.67 -20.16 -15.68
C ASP A 77 11.58 -20.92 -17.01
N LEU A 78 12.61 -20.80 -17.85
CA LEU A 78 12.62 -21.46 -19.15
C LEU A 78 12.49 -22.98 -19.01
N GLY A 79 13.21 -23.52 -18.02
CA GLY A 79 13.12 -24.95 -17.67
C GLY A 79 11.77 -25.35 -17.13
N THR A 80 11.20 -24.51 -16.26
CA THR A 80 9.88 -24.73 -15.67
C THR A 80 8.77 -24.77 -16.71
N LEU A 81 8.78 -23.81 -17.63
CA LEU A 81 7.76 -23.72 -18.68
C LEU A 81 7.83 -24.88 -19.65
N ARG A 82 9.04 -25.23 -20.05
CA ARG A 82 9.29 -26.42 -20.87
C ARG A 82 8.55 -27.62 -20.26
N GLY A 83 8.72 -27.79 -18.94
CA GLY A 83 8.01 -28.81 -18.16
C GLY A 83 6.50 -28.65 -18.20
N TYR A 84 6.01 -27.44 -17.90
CA TYR A 84 4.55 -27.19 -17.92
C TYR A 84 3.88 -27.49 -19.25
N TYR A 85 4.56 -27.23 -20.37
CA TYR A 85 3.94 -27.42 -21.68
C TYR A 85 4.37 -28.72 -22.35
N ASN A 86 5.14 -29.52 -21.61
CA ASN A 86 5.65 -30.81 -22.08
C ASN A 86 6.38 -30.67 -23.42
N GLN A 87 7.34 -29.75 -23.44
CA GLN A 87 8.06 -29.43 -24.64
C GLN A 87 9.43 -30.05 -24.66
N SER A 88 9.89 -30.30 -25.88
CA SER A 88 11.20 -30.90 -26.11
C SER A 88 12.33 -30.00 -25.61
N GLU A 89 13.43 -30.63 -25.20
CA GLU A 89 14.64 -29.92 -24.82
C GLU A 89 15.32 -29.26 -26.02
N ALA A 90 14.88 -29.62 -27.21
CA ALA A 90 15.58 -29.23 -28.43
C ALA A 90 15.21 -27.85 -28.96
N GLY A 91 13.99 -27.38 -28.67
CA GLY A 91 13.50 -26.15 -29.25
C GLY A 91 13.90 -24.92 -28.46
N SER A 92 14.03 -23.80 -29.18
CA SER A 92 14.25 -22.49 -28.55
C SER A 92 12.90 -21.88 -28.14
N HIS A 93 12.87 -21.33 -26.94
CA HIS A 93 11.65 -20.70 -26.46
C HIS A 93 12.00 -19.34 -25.87
N THR A 94 10.98 -18.50 -25.71
CA THR A 94 11.19 -17.13 -25.27
C THR A 94 10.28 -16.83 -24.08
N VAL A 95 10.88 -16.30 -23.01
CA VAL A 95 10.13 -15.68 -21.92
C VAL A 95 10.32 -14.14 -22.01
N GLN A 96 9.23 -13.41 -21.92
CA GLN A 96 9.33 -11.96 -21.82
C GLN A 96 8.64 -11.51 -20.55
N ARG A 97 9.16 -10.46 -19.96
CA ARG A 97 8.54 -9.87 -18.80
C ARG A 97 8.67 -8.36 -18.93
N MET A 98 7.62 -7.67 -18.49
CA MET A 98 7.62 -6.21 -18.47
C MET A 98 7.01 -5.79 -17.16
N TYR A 99 7.61 -4.79 -16.53
CA TYR A 99 6.94 -4.18 -15.39
C TYR A 99 7.34 -2.73 -15.26
N GLY A 100 6.55 -1.99 -14.48
CA GLY A 100 6.84 -0.58 -14.29
C GLY A 100 5.63 0.17 -13.83
N CYS A 101 5.75 1.50 -13.84
CA CYS A 101 4.74 2.34 -13.23
C CYS A 101 4.51 3.55 -14.07
N ASP A 102 3.28 4.09 -13.99
CA ASP A 102 2.97 5.39 -14.56
C ASP A 102 2.70 6.33 -13.41
N VAL A 103 3.12 7.58 -13.55
CA VAL A 103 2.58 8.66 -12.69
C VAL A 103 1.80 9.62 -13.55
N GLY A 104 0.80 10.27 -12.97
CA GLY A 104 0.01 11.24 -13.68
C GLY A 104 0.74 12.57 -13.77
N SER A 105 0.03 13.59 -14.28
CA SER A 105 0.56 14.92 -14.44
C SER A 105 0.89 15.58 -13.09
N ASP A 106 0.36 15.01 -12.00
CA ASP A 106 0.71 15.40 -10.63
C ASP A 106 1.95 14.67 -10.08
N TRP A 107 2.53 13.79 -10.90
CA TRP A 107 3.67 12.94 -10.51
C TRP A 107 3.36 11.92 -9.40
N ARG A 108 2.08 11.70 -9.09
CA ARG A 108 1.70 10.65 -8.17
C ARG A 108 1.40 9.36 -8.91
N PHE A 109 1.63 8.25 -8.21
CA PHE A 109 1.38 6.93 -8.77
C PHE A 109 0.00 6.91 -9.43
N LEU A 110 -0.05 6.38 -10.65
CA LEU A 110 -1.28 6.27 -11.43
C LEU A 110 -1.64 4.81 -11.74
N ARG A 111 -0.65 4.05 -12.19
CA ARG A 111 -0.88 2.70 -12.69
C ARG A 111 0.42 1.93 -12.55
N GLY A 112 0.29 0.65 -12.24
CA GLY A 112 1.43 -0.28 -12.16
C GLY A 112 1.18 -1.44 -13.11
N TYR A 113 2.25 -2.08 -13.55
CA TYR A 113 2.16 -3.19 -14.49
C TYR A 113 3.19 -4.24 -14.13
N HIS A 114 2.85 -5.50 -14.38
CA HIS A 114 3.79 -6.58 -14.18
C HIS A 114 3.25 -7.80 -14.87
N GLN A 115 3.86 -8.14 -16.01
CA GLN A 115 3.28 -9.20 -16.84
C GLN A 115 4.34 -9.97 -17.59
N TYR A 116 3.98 -11.20 -17.94
CA TYR A 116 4.87 -12.16 -18.62
C TYR A 116 4.20 -12.72 -19.86
N ALA A 117 5.02 -13.12 -20.83
CA ALA A 117 4.59 -13.81 -22.03
C ALA A 117 5.50 -14.96 -22.26
N TYR A 118 4.95 -16.06 -22.81
CA TYR A 118 5.78 -17.19 -23.17
C TYR A 118 5.54 -17.44 -24.65
N ASP A 119 6.63 -17.51 -25.39
CA ASP A 119 6.59 -17.66 -26.85
C ASP A 119 5.58 -16.73 -27.49
N GLY A 120 5.55 -15.49 -27.01
CA GLY A 120 4.86 -14.38 -27.67
C GLY A 120 3.40 -14.22 -27.31
N LYS A 121 2.91 -15.05 -26.38
CA LYS A 121 1.51 -15.07 -25.92
C LYS A 121 1.48 -14.69 -24.46
N ASP A 122 0.46 -13.93 -24.03
CA ASP A 122 0.26 -13.65 -22.60
C ASP A 122 0.37 -14.93 -21.81
N TYR A 123 1.07 -14.87 -20.69
CA TYR A 123 1.17 -15.98 -19.78
C TYR A 123 0.48 -15.62 -18.48
N ILE A 124 1.02 -14.64 -17.77
CA ILE A 124 0.39 -14.18 -16.54
C ILE A 124 0.57 -12.68 -16.42
N ALA A 125 -0.43 -12.00 -15.85
CA ALA A 125 -0.37 -10.55 -15.65
C ALA A 125 -0.94 -10.18 -14.31
N LEU A 126 -0.30 -9.22 -13.64
CA LEU A 126 -0.87 -8.60 -12.46
C LEU A 126 -1.95 -7.66 -12.93
N LYS A 127 -3.14 -7.80 -12.34
CA LYS A 127 -4.23 -6.91 -12.68
C LYS A 127 -4.02 -5.50 -12.17
N GLU A 128 -4.80 -4.57 -12.71
CA GLU A 128 -4.68 -3.15 -12.38
C GLU A 128 -4.80 -2.84 -10.88
N ASP A 129 -5.53 -3.68 -10.15
CA ASP A 129 -5.65 -3.52 -8.68
C ASP A 129 -4.39 -3.91 -7.90
N LEU A 130 -3.44 -4.53 -8.59
CA LEU A 130 -2.18 -4.94 -7.99
C LEU A 130 -2.34 -5.94 -6.84
N ARG A 131 -3.42 -6.74 -6.91
CA ARG A 131 -3.77 -7.68 -5.85
C ARG A 131 -4.12 -9.04 -6.43
N SER A 132 -4.46 -9.07 -7.71
CA SER A 132 -4.94 -10.29 -8.35
C SER A 132 -4.22 -10.57 -9.66
N TRP A 133 -4.32 -11.81 -10.13
CA TRP A 133 -3.64 -12.24 -11.35
C TRP A 133 -4.58 -12.69 -12.45
N THR A 134 -4.16 -12.43 -13.70
CA THR A 134 -4.80 -13.00 -14.86
C THR A 134 -3.88 -14.07 -15.45
N ALA A 135 -4.36 -15.31 -15.44
CA ALA A 135 -3.62 -16.46 -15.95
C ALA A 135 -4.23 -16.81 -17.28
N ALA A 136 -3.38 -16.88 -18.31
CA ALA A 136 -3.84 -17.02 -19.70
C ALA A 136 -4.27 -18.45 -20.06
N ASP A 137 -3.67 -19.43 -19.39
CA ASP A 137 -3.95 -20.83 -19.67
C ASP A 137 -3.75 -21.72 -18.45
N MET A 138 -3.91 -23.03 -18.62
CA MET A 138 -3.73 -24.01 -17.53
C MET A 138 -2.37 -23.94 -16.85
N ALA A 139 -1.31 -23.88 -17.65
CA ALA A 139 0.03 -23.77 -17.10
C ALA A 139 0.14 -22.54 -16.20
N ALA A 140 -0.33 -21.40 -16.69
CA ALA A 140 -0.23 -20.13 -15.97
C ALA A 140 -1.00 -20.15 -14.66
N GLN A 141 -2.10 -20.90 -14.64
CA GLN A 141 -2.89 -21.04 -13.42
C GLN A 141 -2.07 -21.70 -12.29
N THR A 142 -1.11 -22.57 -12.63
CA THR A 142 -0.15 -23.15 -11.67
C THR A 142 0.74 -22.07 -11.03
N THR A 143 1.29 -21.22 -11.89
CA THR A 143 2.07 -20.08 -11.42
C THR A 143 1.24 -19.15 -10.55
N LYS A 144 0.00 -18.88 -10.99
CA LYS A 144 -0.92 -18.00 -10.30
C LYS A 144 -1.10 -18.51 -8.88
N HIS A 145 -1.45 -19.79 -8.75
CA HIS A 145 -1.67 -20.36 -7.43
C HIS A 145 -0.43 -20.23 -6.54
N LYS A 146 0.72 -20.50 -7.14
CA LYS A 146 2.00 -20.43 -6.43
C LYS A 146 2.26 -19.01 -5.96
N TRP A 147 2.03 -18.06 -6.84
CA TRP A 147 2.26 -16.67 -6.47
C TRP A 147 1.24 -16.14 -5.47
N GLU A 148 0.02 -16.66 -5.54
CA GLU A 148 -1.01 -16.31 -4.56
C GLU A 148 -0.62 -16.79 -3.17
N ALA A 149 -0.16 -18.04 -3.10
CA ALA A 149 0.29 -18.66 -1.85
C ALA A 149 1.53 -18.02 -1.27
N ALA A 150 2.40 -17.49 -2.12
CA ALA A 150 3.60 -16.81 -1.65
C ALA A 150 3.41 -15.28 -1.49
N HIS A 151 2.20 -14.79 -1.76
CA HIS A 151 1.89 -13.35 -1.61
C HIS A 151 2.84 -12.46 -2.40
N VAL A 152 3.07 -12.85 -3.65
CA VAL A 152 3.92 -12.09 -4.58
C VAL A 152 3.28 -10.75 -4.94
N ALA A 153 1.97 -10.73 -5.17
CA ALA A 153 1.29 -9.47 -5.55
C ALA A 153 1.50 -8.35 -4.51
N GLU A 154 1.38 -8.70 -3.23
CA GLU A 154 1.63 -7.71 -2.16
C GLU A 154 3.02 -7.10 -2.23
N GLN A 155 4.03 -7.92 -2.50
CA GLN A 155 5.41 -7.45 -2.58
C GLN A 155 5.62 -6.57 -3.81
N LEU A 156 5.05 -7.01 -4.94
CA LEU A 156 5.04 -6.21 -6.17
C LEU A 156 4.29 -4.88 -6.00
N ARG A 157 3.10 -4.93 -5.40
CA ARG A 157 2.33 -3.71 -5.15
C ARG A 157 3.19 -2.67 -4.44
N ALA A 158 3.92 -3.08 -3.41
CA ALA A 158 4.75 -2.15 -2.64
C ALA A 158 5.84 -1.48 -3.46
N TYR A 159 6.42 -2.24 -4.39
CA TYR A 159 7.38 -1.66 -5.33
C TYR A 159 6.66 -0.75 -6.32
N LEU A 160 5.58 -1.23 -6.93
CA LEU A 160 5.00 -0.46 -8.01
C LEU A 160 4.42 0.87 -7.54
N GLU A 161 3.84 0.89 -6.34
CA GLU A 161 3.24 2.10 -5.79
C GLU A 161 4.20 2.99 -5.03
N GLY A 162 5.37 2.45 -4.70
CA GLY A 162 6.29 3.10 -3.81
C GLY A 162 7.59 3.23 -4.55
N THR A 163 8.45 2.23 -4.43
CA THR A 163 9.80 2.44 -4.91
C THR A 163 9.89 2.77 -6.41
N CYS A 164 9.04 2.13 -7.23
CA CYS A 164 9.03 2.37 -8.67
C CYS A 164 8.86 3.86 -8.97
N VAL A 165 7.82 4.46 -8.36
CA VAL A 165 7.50 5.87 -8.62
C VAL A 165 8.57 6.80 -8.02
N GLU A 166 9.15 6.39 -6.89
CA GLU A 166 10.27 7.15 -6.32
C GLU A 166 11.46 7.20 -7.28
N TRP A 167 11.80 6.08 -7.91
CA TRP A 167 12.86 6.06 -8.93
C TRP A 167 12.51 6.98 -10.09
N LEU A 168 11.26 6.89 -10.53
CA LEU A 168 10.80 7.61 -11.69
C LEU A 168 10.97 9.09 -11.43
N ARG A 169 10.54 9.54 -10.25
CA ARG A 169 10.63 10.95 -9.91
C ARG A 169 12.08 11.40 -9.80
N ARG A 170 12.94 10.56 -9.25
CA ARG A 170 14.36 10.86 -9.20
C ARG A 170 14.94 11.04 -10.60
N TYR A 171 14.65 10.09 -11.49
CA TYR A 171 15.16 10.15 -12.86
C TYR A 171 14.62 11.39 -13.59
N LEU A 172 13.33 11.71 -13.39
CA LEU A 172 12.74 12.88 -14.04
C LEU A 172 13.48 14.14 -13.63
N GLU A 173 13.85 14.22 -12.35
CA GLU A 173 14.53 15.42 -11.91
C GLU A 173 15.98 15.45 -12.38
N ASN A 174 16.68 14.32 -12.26
CA ASN A 174 18.09 14.24 -12.65
C ASN A 174 18.29 14.38 -14.14
N GLY A 175 17.39 13.77 -14.92
CA GLY A 175 17.45 13.85 -16.35
C GLY A 175 16.46 14.85 -16.92
N LYS A 176 16.14 15.88 -16.14
CA LYS A 176 15.17 16.89 -16.55
C LYS A 176 15.41 17.43 -17.97
N GLU A 177 16.67 17.70 -18.32
CA GLU A 177 17.03 18.15 -19.67
C GLU A 177 16.58 17.17 -20.77
N THR A 178 16.70 15.87 -20.50
CA THR A 178 16.39 14.83 -21.49
C THR A 178 14.92 14.41 -21.42
N LEU A 179 14.37 14.39 -20.21
CA LEU A 179 13.08 13.72 -19.96
C LEU A 179 11.86 14.61 -19.89
N GLN A 180 12.06 15.84 -19.39
CA GLN A 180 10.92 16.75 -19.17
C GLN A 180 10.74 17.67 -20.37
N ARG A 181 11.38 17.29 -21.48
CA ARG A 181 11.39 18.06 -22.69
C ARG A 181 10.37 17.55 -23.69
N THR A 182 9.99 18.42 -24.61
CA THR A 182 9.40 17.97 -25.87
C THR A 182 10.28 18.48 -27.00
N ASP A 183 10.41 17.70 -28.07
CA ASP A 183 10.97 18.21 -29.31
C ASP A 183 9.82 18.20 -30.31
N ALA A 184 9.44 19.39 -30.75
CA ALA A 184 8.37 19.52 -31.75
C ALA A 184 8.78 18.97 -33.09
N PRO A 185 7.84 18.29 -33.77
CA PRO A 185 8.19 17.77 -35.07
C PRO A 185 8.55 18.88 -36.04
N LYS A 186 9.63 18.66 -36.78
CA LYS A 186 9.93 19.45 -37.98
C LYS A 186 9.14 18.80 -39.10
N THR A 187 8.33 19.59 -39.80
CA THR A 187 7.37 19.05 -40.76
C THR A 187 7.66 19.51 -42.19
N HIS A 188 7.33 18.66 -43.16
CA HIS A 188 7.35 19.07 -44.54
C HIS A 188 6.56 18.11 -45.42
N MET A 189 6.24 18.58 -46.62
CA MET A 189 5.52 17.75 -47.53
C MET A 189 6.39 17.50 -48.73
N THR A 190 6.24 16.32 -49.30
CA THR A 190 6.87 16.02 -50.57
C THR A 190 5.80 15.64 -51.59
N HIS A 191 6.15 15.82 -52.86
CA HIS A 191 5.21 15.60 -53.94
C HIS A 191 5.96 14.81 -54.99
N HIS A 192 5.35 13.73 -55.45
CA HIS A 192 5.97 12.84 -56.42
C HIS A 192 4.91 12.28 -57.34
N ALA A 193 5.03 12.56 -58.63
CA ALA A 193 4.13 12.00 -59.64
C ALA A 193 4.26 10.48 -59.70
N VAL A 194 3.14 9.78 -59.63
CA VAL A 194 3.15 8.33 -59.75
C VAL A 194 2.76 7.94 -61.18
N SER A 195 2.07 8.88 -61.84
CA SER A 195 1.71 8.78 -63.25
C SER A 195 1.46 10.19 -63.78
N ASP A 196 0.85 10.30 -64.95
CA ASP A 196 0.52 11.61 -65.50
C ASP A 196 -0.72 12.24 -64.84
N HIS A 197 -1.53 11.40 -64.18
CA HIS A 197 -2.74 11.90 -63.55
C HIS A 197 -2.81 11.61 -62.04
N GLU A 198 -1.67 11.25 -61.44
CA GLU A 198 -1.59 11.01 -59.99
C GLU A 198 -0.29 11.45 -59.37
N ALA A 199 -0.37 11.84 -58.11
CA ALA A 199 0.80 12.24 -57.35
C ALA A 199 0.63 11.75 -55.92
N THR A 200 1.74 11.38 -55.30
CA THR A 200 1.74 11.08 -53.87
C THR A 200 2.13 12.35 -53.12
N LEU A 201 1.31 12.77 -52.16
CA LEU A 201 1.68 13.81 -51.21
C LEU A 201 2.09 13.04 -49.96
N ARG A 202 3.29 13.29 -49.46
CA ARG A 202 3.74 12.65 -48.21
C ARG A 202 4.02 13.73 -47.17
N CYS A 203 3.36 13.60 -46.03
CA CYS A 203 3.48 14.53 -44.89
C CYS A 203 4.47 13.93 -43.90
N TRP A 204 5.53 14.68 -43.60
CA TRP A 204 6.64 14.19 -42.78
C TRP A 204 6.66 14.91 -41.43
N ALA A 205 6.87 14.13 -40.35
CA ALA A 205 7.15 14.67 -39.00
C ALA A 205 8.52 14.12 -38.60
N LEU A 206 9.47 15.01 -38.32
CA LEU A 206 10.85 14.57 -38.01
C LEU A 206 11.38 15.17 -36.73
N SER A 207 12.32 14.46 -36.11
CA SER A 207 13.03 14.95 -34.92
C SER A 207 12.10 15.32 -33.75
N PHE A 208 11.05 14.52 -33.52
CA PHE A 208 10.14 14.79 -32.41
C PHE A 208 10.34 13.87 -31.21
N TYR A 209 9.90 14.38 -30.08
CA TYR A 209 9.92 13.62 -28.83
C TYR A 209 8.86 14.21 -27.91
N PRO A 210 8.02 13.37 -27.24
CA PRO A 210 7.98 11.90 -27.23
C PRO A 210 7.47 11.30 -28.54
N ALA A 211 7.40 9.97 -28.62
CA ALA A 211 7.02 9.27 -29.83
C ALA A 211 5.57 9.48 -30.26
N GLU A 212 4.70 9.71 -29.28
CA GLU A 212 3.26 9.87 -29.55
C GLU A 212 2.98 11.05 -30.50
N ILE A 213 2.34 10.75 -31.64
CA ILE A 213 2.04 11.78 -32.62
C ILE A 213 0.81 11.32 -33.41
N THR A 214 0.07 12.28 -33.95
CA THR A 214 -1.03 11.95 -34.85
C THR A 214 -0.83 12.74 -36.15
N LEU A 215 -0.69 11.99 -37.25
CA LEU A 215 -0.64 12.53 -38.59
C LEU A 215 -1.91 12.10 -39.30
N THR A 216 -2.66 13.07 -39.83
CA THR A 216 -3.90 12.72 -40.53
C THR A 216 -3.97 13.55 -41.81
N TRP A 217 -4.55 12.96 -42.85
CA TRP A 217 -4.81 13.72 -44.07
C TRP A 217 -6.30 13.98 -44.16
N GLN A 218 -6.65 15.16 -44.66
CA GLN A 218 -8.05 15.47 -44.95
C GLN A 218 -8.17 15.88 -46.40
N ARG A 219 -9.30 15.54 -47.01
CA ARG A 219 -9.70 16.10 -48.28
C ARG A 219 -10.96 16.93 -48.05
N ASP A 220 -10.90 18.21 -48.35
CA ASP A 220 -11.98 19.16 -48.01
C ASP A 220 -12.42 19.04 -46.55
N GLY A 221 -11.45 19.00 -45.64
CA GLY A 221 -11.71 18.86 -44.21
C GLY A 221 -12.23 17.50 -43.77
N GLU A 222 -12.34 16.54 -44.70
CA GLU A 222 -12.82 15.20 -44.37
C GLU A 222 -11.65 14.22 -44.25
N ASP A 223 -11.50 13.60 -43.08
CA ASP A 223 -10.41 12.64 -42.84
C ASP A 223 -10.36 11.51 -43.86
N GLN A 224 -9.17 11.25 -44.39
CA GLN A 224 -8.96 10.23 -45.40
C GLN A 224 -8.32 8.97 -44.82
N THR A 225 -8.87 8.52 -43.70
CA THR A 225 -8.36 7.38 -42.94
C THR A 225 -8.05 6.17 -43.82
N GLN A 226 -9.06 5.71 -44.56
CA GLN A 226 -8.95 4.51 -45.38
C GLN A 226 -8.02 4.62 -46.59
N ASP A 227 -7.57 5.84 -46.91
CA ASP A 227 -6.74 6.08 -48.10
C ASP A 227 -5.33 6.60 -47.78
N THR A 228 -5.02 6.65 -46.50
CA THR A 228 -3.73 7.14 -46.05
C THR A 228 -2.82 5.95 -45.78
N GLU A 229 -1.62 5.96 -46.34
CA GLU A 229 -0.55 5.06 -45.94
C GLU A 229 0.16 5.75 -44.77
N LEU A 230 0.18 5.07 -43.63
CA LEU A 230 0.78 5.60 -42.42
C LEU A 230 1.88 4.61 -42.03
N VAL A 231 3.12 5.06 -41.84
CA VAL A 231 4.16 4.12 -41.41
C VAL A 231 4.24 4.15 -39.90
N GLU A 232 4.75 3.06 -39.34
CA GLU A 232 5.00 3.02 -37.93
C GLU A 232 5.99 4.11 -37.55
N THR A 233 5.71 4.79 -36.45
CA THR A 233 6.65 5.77 -35.87
C THR A 233 7.97 5.06 -35.60
N ARG A 234 9.09 5.68 -36.01
CA ARG A 234 10.36 5.00 -36.05
C ARG A 234 11.45 5.88 -35.41
N PRO A 235 12.41 5.24 -34.74
CA PRO A 235 13.45 6.02 -34.07
C PRO A 235 14.47 6.58 -35.05
N ALA A 236 14.90 7.82 -34.80
CA ALA A 236 15.95 8.39 -35.63
C ALA A 236 17.34 7.85 -35.26
N GLY A 237 17.47 7.40 -34.01
CA GLY A 237 18.74 6.85 -33.53
C GLY A 237 19.47 7.85 -32.64
N ASP A 238 18.90 9.06 -32.57
CA ASP A 238 19.41 10.15 -31.72
C ASP A 238 18.47 10.50 -30.57
N GLY A 239 17.49 9.65 -30.27
CA GLY A 239 16.55 9.99 -29.23
C GLY A 239 15.28 10.68 -29.70
N THR A 240 15.18 10.92 -30.99
CA THR A 240 13.95 11.50 -31.55
C THR A 240 13.29 10.46 -32.44
N PHE A 241 12.09 10.82 -32.90
CA PHE A 241 11.29 9.92 -33.71
C PHE A 241 10.88 10.57 -35.01
N GLN A 242 10.43 9.73 -35.92
CA GLN A 242 10.00 10.18 -37.27
C GLN A 242 8.74 9.44 -37.64
N LYS A 243 7.90 10.04 -38.48
CA LYS A 243 6.74 9.34 -39.02
C LYS A 243 6.35 10.07 -40.29
N TRP A 244 5.70 9.36 -41.19
CA TRP A 244 5.09 10.03 -42.34
C TRP A 244 3.72 9.42 -42.64
N ALA A 245 2.92 10.19 -43.37
CA ALA A 245 1.61 9.75 -43.82
C ALA A 245 1.48 10.24 -45.25
N ALA A 246 1.04 9.36 -46.13
CA ALA A 246 0.91 9.72 -47.55
C ALA A 246 -0.48 9.43 -48.08
N VAL A 247 -0.86 10.22 -49.07
CA VAL A 247 -2.06 9.96 -49.84
C VAL A 247 -1.67 10.09 -51.33
N VAL A 248 -2.26 9.24 -52.16
CA VAL A 248 -2.10 9.38 -53.59
C VAL A 248 -3.27 10.23 -54.06
N VAL A 249 -2.95 11.33 -54.74
CA VAL A 249 -3.95 12.32 -55.12
C VAL A 249 -4.01 12.51 -56.64
N PRO A 250 -5.22 12.72 -57.17
CA PRO A 250 -5.33 13.04 -58.59
C PRO A 250 -4.62 14.35 -58.86
N SER A 251 -3.70 14.32 -59.82
CA SER A 251 -2.96 15.50 -60.22
C SER A 251 -3.92 16.62 -60.55
N GLY A 252 -3.66 17.81 -60.01
CA GLY A 252 -4.58 18.94 -60.07
C GLY A 252 -5.40 19.17 -58.81
N GLN A 253 -5.45 18.17 -57.93
CA GLN A 253 -6.30 18.25 -56.75
C GLN A 253 -5.53 18.48 -55.46
N GLU A 254 -4.23 18.71 -55.56
CA GLU A 254 -3.35 18.92 -54.40
C GLU A 254 -3.94 19.89 -53.36
N GLN A 255 -4.55 20.96 -53.88
CA GLN A 255 -5.06 22.05 -53.04
C GLN A 255 -6.19 21.61 -52.13
N ARG A 256 -6.78 20.45 -52.40
CA ARG A 256 -7.88 19.93 -51.61
C ARG A 256 -7.42 19.27 -50.32
N TYR A 257 -6.17 18.89 -50.31
CA TYR A 257 -5.65 18.02 -49.25
C TYR A 257 -4.93 18.81 -48.18
N THR A 258 -5.17 18.45 -46.93
CA THR A 258 -4.43 19.09 -45.84
C THR A 258 -3.90 17.99 -44.93
N CYS A 259 -2.68 18.17 -44.45
CA CYS A 259 -2.14 17.25 -43.47
C CYS A 259 -2.19 17.93 -42.11
N HIS A 260 -2.55 17.16 -41.10
CA HIS A 260 -2.75 17.71 -39.77
C HIS A 260 -1.84 16.96 -38.84
N VAL A 261 -1.11 17.72 -38.05
CA VAL A 261 -0.09 17.16 -37.17
C VAL A 261 -0.39 17.58 -35.76
N GLN A 262 -0.57 16.58 -34.89
CA GLN A 262 -0.79 16.83 -33.47
C GLN A 262 0.37 16.20 -32.70
N HIS A 263 1.00 17.01 -31.87
CA HIS A 263 2.10 16.55 -31.06
C HIS A 263 2.22 17.43 -29.83
N GLU A 264 2.58 16.80 -28.71
CA GLU A 264 2.70 17.55 -27.45
C GLU A 264 3.63 18.77 -27.53
N GLY A 265 4.63 18.72 -28.41
CA GLY A 265 5.64 19.78 -28.53
C GLY A 265 5.19 20.96 -29.35
N LEU A 266 3.98 20.85 -29.91
CA LEU A 266 3.44 21.91 -30.76
C LEU A 266 2.61 22.90 -29.96
N PRO A 267 2.80 24.21 -30.23
CA PRO A 267 1.98 25.26 -29.61
C PRO A 267 0.49 25.14 -30.00
N LYS A 268 0.26 24.66 -31.22
CA LYS A 268 -1.05 24.49 -31.81
C LYS A 268 -0.88 23.34 -32.81
N PRO A 269 -1.93 22.56 -33.05
CA PRO A 269 -1.81 21.55 -34.10
C PRO A 269 -1.46 22.26 -35.42
N LEU A 270 -0.67 21.60 -36.27
CA LEU A 270 -0.26 22.18 -37.53
C LEU A 270 -1.12 21.67 -38.66
N THR A 271 -1.36 22.56 -39.62
CA THR A 271 -1.99 22.19 -40.87
C THR A 271 -1.01 22.51 -41.98
N LEU A 272 -0.73 21.53 -42.82
CA LEU A 272 0.15 21.71 -43.95
C LEU A 272 -0.70 21.51 -45.19
N ARG A 273 -0.41 22.30 -46.22
CA ARG A 273 -1.10 22.19 -47.49
C ARG A 273 -0.02 22.24 -48.55
N TRP A 274 -0.23 21.52 -49.64
CA TRP A 274 0.74 21.59 -50.72
C TRP A 274 0.52 22.90 -51.47
N GLU A 275 1.62 23.54 -51.90
CA GLU A 275 1.59 24.68 -52.86
C GLU A 275 2.51 25.87 -52.53
N PRO A 276 3.66 25.70 -52.13
N MET B 1 4.01 -22.52 -32.91
CA MET B 1 4.06 -21.37 -31.96
C MET B 1 4.02 -20.06 -32.74
N ILE B 2 3.81 -18.96 -32.03
CA ILE B 2 3.64 -17.62 -32.61
C ILE B 2 4.85 -17.22 -33.44
N GLN B 3 4.57 -16.71 -34.64
CA GLN B 3 5.59 -16.14 -35.53
C GLN B 3 4.99 -14.92 -36.16
N ARG B 4 5.67 -13.77 -36.03
CA ARG B 4 5.20 -12.50 -36.59
C ARG B 4 6.33 -11.95 -37.44
N THR B 5 5.98 -11.46 -38.63
CA THR B 5 6.98 -11.06 -39.62
C THR B 5 7.49 -9.66 -39.35
N PRO B 6 8.80 -9.40 -39.53
CA PRO B 6 9.24 -8.03 -39.29
C PRO B 6 8.72 -7.03 -40.32
N LYS B 7 8.29 -5.88 -39.82
CA LYS B 7 8.15 -4.69 -40.65
C LYS B 7 9.54 -4.12 -40.82
N ILE B 8 9.80 -3.55 -41.97
CA ILE B 8 11.15 -3.06 -42.28
C ILE B 8 11.06 -1.65 -42.84
N GLN B 9 11.80 -0.72 -42.22
CA GLN B 9 11.94 0.62 -42.76
C GLN B 9 13.40 0.95 -42.87
N VAL B 10 13.78 1.47 -44.04
CA VAL B 10 15.18 1.81 -44.29
C VAL B 10 15.18 3.31 -44.58
N TYR B 11 16.04 4.02 -43.85
CA TYR B 11 15.97 5.47 -43.88
C TYR B 11 17.20 6.09 -43.26
N SER B 12 17.39 7.37 -43.54
CA SER B 12 18.49 8.10 -42.92
C SER B 12 18.06 8.89 -41.69
N ARG B 13 18.99 9.08 -40.74
CA ARG B 13 18.65 9.78 -39.51
C ARG B 13 18.25 11.21 -39.82
N HIS B 14 19.04 11.86 -40.67
CA HIS B 14 18.77 13.23 -41.09
C HIS B 14 18.42 13.21 -42.56
N PRO B 15 17.84 14.31 -43.07
CA PRO B 15 17.67 14.36 -44.52
C PRO B 15 18.96 14.09 -45.27
N ALA B 16 18.92 13.20 -46.26
CA ALA B 16 20.11 12.90 -47.08
C ALA B 16 20.56 14.11 -47.87
N GLU B 17 21.83 14.48 -47.70
CA GLU B 17 22.44 15.51 -48.52
C GLU B 17 23.77 14.97 -48.93
N ASN B 18 24.02 14.90 -50.23
CA ASN B 18 25.24 14.28 -50.71
C ASN B 18 26.45 14.96 -50.09
N GLY B 19 27.43 14.17 -49.68
CA GLY B 19 28.65 14.69 -49.07
C GLY B 19 28.56 15.06 -47.59
N LYS B 20 27.38 14.87 -46.99
CA LYS B 20 27.19 15.23 -45.58
C LYS B 20 26.95 14.02 -44.70
N SER B 21 27.71 13.97 -43.61
CA SER B 21 27.66 12.83 -42.69
C SER B 21 26.26 12.59 -42.15
N ASN B 22 25.94 11.32 -41.97
CA ASN B 22 24.57 10.92 -41.59
C ASN B 22 24.61 9.53 -40.98
N PHE B 23 23.43 9.00 -40.62
CA PHE B 23 23.35 7.59 -40.30
C PHE B 23 22.32 6.94 -41.17
N LEU B 24 22.64 5.75 -41.64
CA LEU B 24 21.68 4.90 -42.34
C LEU B 24 21.09 3.93 -41.34
N ASN B 25 19.77 3.90 -41.29
CA ASN B 25 19.01 3.08 -40.37
C ASN B 25 18.20 2.02 -41.09
N CYS B 26 18.12 0.86 -40.47
CA CYS B 26 17.10 -0.10 -40.82
C CYS B 26 16.39 -0.49 -39.53
N TYR B 27 15.11 -0.14 -39.45
CA TYR B 27 14.32 -0.43 -38.29
C TYR B 27 13.46 -1.65 -38.58
N VAL B 28 13.62 -2.68 -37.76
CA VAL B 28 12.82 -3.90 -37.87
C VAL B 28 11.91 -3.99 -36.65
N SER B 29 10.62 -4.24 -36.87
CA SER B 29 9.68 -4.19 -35.75
C SER B 29 8.54 -5.15 -35.98
N GLY B 30 7.82 -5.44 -34.90
CA GLY B 30 6.64 -6.27 -34.99
C GLY B 30 6.91 -7.74 -35.16
N PHE B 31 8.14 -8.18 -34.89
CA PHE B 31 8.49 -9.57 -35.21
C PHE B 31 8.53 -10.46 -33.97
N HIS B 32 8.40 -11.77 -34.22
CA HIS B 32 8.55 -12.76 -33.17
C HIS B 32 8.78 -14.12 -33.87
N PRO B 33 9.73 -14.94 -33.39
CA PRO B 33 10.64 -14.76 -32.22
C PRO B 33 11.73 -13.74 -32.53
N SER B 34 12.66 -13.58 -31.59
CA SER B 34 13.58 -12.45 -31.64
C SER B 34 14.78 -12.68 -32.55
N ASP B 35 15.03 -13.94 -32.92
CA ASP B 35 16.20 -14.23 -33.76
C ASP B 35 15.97 -13.61 -35.12
N ILE B 36 16.85 -12.71 -35.50
CA ILE B 36 16.70 -12.03 -36.78
C ILE B 36 18.08 -11.70 -37.30
N GLU B 37 18.21 -11.69 -38.62
CA GLU B 37 19.45 -11.28 -39.28
C GLU B 37 19.17 -10.03 -40.08
N VAL B 38 19.96 -8.97 -39.86
CA VAL B 38 19.79 -7.71 -40.56
C VAL B 38 21.16 -7.25 -41.03
N ASP B 39 21.27 -7.01 -42.33
CA ASP B 39 22.45 -6.39 -42.92
C ASP B 39 22.11 -5.08 -43.62
N LEU B 40 23.06 -4.16 -43.58
CA LEU B 40 22.95 -2.95 -44.39
C LEU B 40 23.87 -3.20 -45.57
N LEU B 41 23.40 -2.86 -46.76
CA LEU B 41 24.20 -3.09 -47.97
C LEU B 41 24.50 -1.77 -48.68
N LYS B 42 25.73 -1.64 -49.15
CA LYS B 42 26.12 -0.52 -50.00
C LYS B 42 26.46 -1.11 -51.36
N ASN B 43 25.74 -0.69 -52.40
CA ASN B 43 25.89 -1.26 -53.75
C ASN B 43 25.90 -2.79 -53.74
N GLY B 44 25.01 -3.38 -52.95
CA GLY B 44 24.79 -4.83 -52.91
C GLY B 44 25.68 -5.60 -51.94
N GLU B 45 26.71 -4.95 -51.41
CA GLU B 45 27.69 -5.61 -50.54
C GLU B 45 27.45 -5.27 -49.08
N ARG B 46 27.69 -6.23 -48.19
CA ARG B 46 27.42 -6.02 -46.77
C ARG B 46 28.33 -4.95 -46.21
N ILE B 47 27.75 -4.03 -45.45
CA ILE B 47 28.51 -3.05 -44.67
C ILE B 47 28.96 -3.69 -43.37
N GLU B 48 30.25 -3.59 -43.09
CA GLU B 48 30.85 -4.25 -41.95
C GLU B 48 30.58 -3.58 -40.59
N LYS B 49 30.59 -2.25 -40.57
CA LYS B 49 30.53 -1.49 -39.32
C LYS B 49 29.09 -1.15 -39.01
N VAL B 50 28.30 -2.16 -38.63
CA VAL B 50 26.86 -1.94 -38.33
C VAL B 50 26.49 -2.27 -36.87
N GLU B 51 25.90 -1.31 -36.18
CA GLU B 51 25.49 -1.53 -34.80
C GLU B 51 23.98 -1.71 -34.73
N HIS B 52 23.50 -2.16 -33.59
CA HIS B 52 22.08 -2.21 -33.36
C HIS B 52 21.71 -1.85 -31.93
N SER B 53 20.46 -1.44 -31.77
CA SER B 53 19.92 -1.10 -30.47
C SER B 53 19.72 -2.37 -29.64
N ASP B 54 19.44 -2.19 -28.35
CA ASP B 54 19.22 -3.29 -27.44
C ASP B 54 17.81 -3.81 -27.67
N LEU B 55 17.70 -5.12 -27.77
CA LEU B 55 16.39 -5.77 -28.00
C LEU B 55 15.33 -5.33 -27.01
N SER B 56 14.24 -4.80 -27.54
CA SER B 56 13.12 -4.44 -26.71
C SER B 56 11.87 -4.89 -27.45
N PHE B 57 10.75 -4.64 -26.82
CA PHE B 57 9.49 -5.06 -27.41
C PHE B 57 8.32 -4.16 -27.06
N SER B 58 7.29 -4.32 -27.88
CA SER B 58 6.11 -3.49 -27.80
C SER B 58 5.08 -4.08 -26.86
N LYS B 59 4.03 -3.30 -26.57
CA LYS B 59 2.96 -3.76 -25.66
C LYS B 59 2.36 -5.11 -26.07
N ASP B 60 2.40 -5.40 -27.37
CA ASP B 60 1.87 -6.66 -27.91
C ASP B 60 2.92 -7.80 -27.91
N TRP B 61 4.09 -7.51 -27.30
CA TRP B 61 5.19 -8.45 -27.11
C TRP B 61 6.09 -8.59 -28.33
N SER B 62 5.73 -7.94 -29.44
CA SER B 62 6.55 -8.10 -30.64
C SER B 62 7.82 -7.29 -30.47
N PHE B 63 8.88 -7.80 -31.07
CA PHE B 63 10.21 -7.19 -30.88
C PHE B 63 10.48 -6.07 -31.84
N TYR B 64 11.38 -5.15 -31.44
CA TYR B 64 11.89 -4.16 -32.42
C TYR B 64 13.36 -3.91 -32.15
N LEU B 65 14.08 -3.65 -33.24
CA LEU B 65 15.52 -3.32 -33.24
C LEU B 65 15.79 -2.26 -34.28
N LEU B 66 16.70 -1.35 -33.94
CA LEU B 66 17.26 -0.42 -34.92
C LEU B 66 18.70 -0.81 -35.24
N TYR B 67 18.97 -1.11 -36.51
CA TYR B 67 20.33 -1.30 -37.02
C TYR B 67 20.78 -0.04 -37.72
N TYR B 68 22.06 0.32 -37.55
CA TYR B 68 22.49 1.62 -38.04
C TYR B 68 23.97 1.67 -38.29
N THR B 69 24.34 2.57 -39.19
CA THR B 69 25.74 2.82 -39.49
C THR B 69 25.91 4.25 -39.96
N GLU B 70 27.07 4.84 -39.64
CA GLU B 70 27.43 6.16 -40.15
C GLU B 70 27.63 6.05 -41.65
N PHE B 71 27.14 7.03 -42.39
CA PHE B 71 27.43 7.05 -43.83
C PHE B 71 27.35 8.44 -44.40
N THR B 72 28.00 8.64 -45.54
CA THR B 72 27.86 9.87 -46.28
C THR B 72 27.23 9.59 -47.65
N PRO B 73 25.95 9.96 -47.81
CA PRO B 73 25.29 9.71 -49.07
C PRO B 73 25.99 10.40 -50.23
N THR B 74 25.89 9.80 -51.41
CA THR B 74 26.29 10.45 -52.64
C THR B 74 25.14 10.32 -53.63
N GLU B 75 25.27 10.91 -54.81
CA GLU B 75 24.28 10.74 -55.86
C GLU B 75 24.17 9.28 -56.32
N LYS B 76 25.30 8.58 -56.40
CA LYS B 76 25.35 7.26 -57.06
C LYS B 76 25.25 6.01 -56.17
N ASP B 77 25.73 6.08 -54.93
CA ASP B 77 25.73 4.91 -54.06
C ASP B 77 24.32 4.51 -53.69
N GLU B 78 24.05 3.22 -53.83
CA GLU B 78 22.74 2.67 -53.50
C GLU B 78 22.83 1.91 -52.19
N TYR B 79 21.79 2.09 -51.37
CA TYR B 79 21.74 1.42 -50.09
C TYR B 79 20.48 0.58 -49.92
N ALA B 80 20.63 -0.49 -49.16
CA ALA B 80 19.51 -1.38 -48.90
C ALA B 80 19.66 -2.04 -47.54
N CYS B 81 18.54 -2.60 -47.05
CA CYS B 81 18.57 -3.40 -45.84
C CYS B 81 18.14 -4.81 -46.20
N ARG B 82 18.83 -5.82 -45.69
CA ARG B 82 18.53 -7.22 -46.01
C ARG B 82 18.24 -7.98 -44.72
N VAL B 83 17.03 -8.53 -44.65
CA VAL B 83 16.52 -9.08 -43.41
C VAL B 83 16.15 -10.53 -43.63
N ASN B 84 16.58 -11.40 -42.73
CA ASN B 84 16.04 -12.76 -42.70
C ASN B 84 15.49 -13.10 -41.32
N HIS B 85 14.47 -13.94 -41.33
CA HIS B 85 13.70 -14.24 -40.13
C HIS B 85 12.96 -15.52 -40.45
N VAL B 86 12.55 -16.25 -39.41
CA VAL B 86 11.86 -17.54 -39.60
C VAL B 86 10.63 -17.40 -40.50
N THR B 87 10.02 -16.22 -40.48
CA THR B 87 8.79 -15.94 -41.26
C THR B 87 9.05 -15.66 -42.74
N LEU B 88 10.32 -15.55 -43.13
CA LEU B 88 10.69 -15.22 -44.50
C LEU B 88 11.37 -16.42 -45.16
N SER B 89 10.92 -16.77 -46.36
CA SER B 89 11.49 -17.97 -47.01
C SER B 89 12.87 -17.69 -47.57
N GLN B 90 13.07 -16.43 -47.95
CA GLN B 90 14.36 -15.94 -48.39
C GLN B 90 14.50 -14.54 -47.85
N PRO B 91 15.74 -14.05 -47.75
CA PRO B 91 15.98 -12.70 -47.25
C PRO B 91 15.19 -11.66 -48.02
N LYS B 92 14.68 -10.66 -47.29
CA LYS B 92 13.89 -9.61 -47.87
C LYS B 92 14.83 -8.43 -47.99
N ILE B 93 14.95 -7.89 -49.20
CA ILE B 93 15.78 -6.71 -49.43
C ILE B 93 14.88 -5.51 -49.65
N VAL B 94 15.09 -4.48 -48.83
CA VAL B 94 14.35 -3.23 -48.96
C VAL B 94 15.35 -2.14 -49.30
N LYS B 95 15.12 -1.48 -50.42
CA LYS B 95 16.02 -0.42 -50.89
C LYS B 95 15.77 0.90 -50.19
N TRP B 96 16.85 1.63 -49.93
CA TRP B 96 16.76 2.97 -49.37
C TRP B 96 16.26 3.92 -50.45
N ASP B 97 15.22 4.67 -50.16
CA ASP B 97 14.71 5.66 -51.10
C ASP B 97 14.78 6.96 -50.32
N ARG B 98 15.64 7.88 -50.75
CA ARG B 98 15.96 9.02 -49.86
C ARG B 98 14.78 9.97 -49.51
N ASP B 99 13.58 9.60 -49.92
CA ASP B 99 12.35 10.29 -49.50
C ASP B 99 11.30 9.33 -48.90
N MET B 100 11.78 8.36 -48.11
CA MET B 100 10.92 7.36 -47.46
C MET B 100 11.42 6.90 -46.06
N GLY C 1 15.08 2.20 -11.11
CA GLY C 1 15.73 1.01 -10.50
C GLY C 1 14.83 -0.21 -10.50
N ILE C 2 15.41 -1.38 -10.73
CA ILE C 2 14.65 -2.62 -10.86
C ILE C 2 14.24 -3.23 -9.51
N LEU C 3 13.31 -4.20 -9.57
CA LEU C 3 12.90 -4.97 -8.39
C LEU C 3 14.11 -5.54 -7.67
N GLY C 4 14.06 -5.53 -6.35
CA GLY C 4 15.19 -6.04 -5.56
C GLY C 4 14.94 -7.44 -5.02
N PHE C 5 13.82 -8.03 -5.41
CA PHE C 5 13.52 -9.42 -5.10
C PHE C 5 13.04 -10.13 -6.37
N VAL C 6 13.25 -11.44 -6.39
CA VAL C 6 12.90 -12.23 -7.56
C VAL C 6 12.11 -13.47 -7.13
N PHE C 7 11.44 -14.11 -8.08
CA PHE C 7 10.55 -15.25 -7.81
C PHE C 7 10.33 -15.96 -9.11
N THR C 8 10.25 -17.28 -9.04
CA THR C 8 10.17 -18.09 -10.23
C THR C 8 8.71 -18.43 -10.56
N LEU C 9 8.44 -18.58 -11.85
CA LEU C 9 7.14 -19.04 -12.37
C LEU C 9 6.85 -20.48 -11.92
N GLY D 1 -2.13 -9.81 12.46
CA GLY D 1 -1.86 -9.31 13.84
C GLY D 1 -2.48 -10.24 14.87
N SER D 2 -2.09 -10.08 16.12
CA SER D 2 -2.64 -10.93 17.18
C SER D 2 -4.01 -10.41 17.59
N HIS D 3 -4.78 -11.28 18.24
CA HIS D 3 -6.14 -10.94 18.69
C HIS D 3 -6.44 -11.46 20.09
N SER D 4 -7.45 -10.91 20.74
CA SER D 4 -7.82 -11.38 22.07
C SER D 4 -9.31 -11.28 22.20
N MET D 5 -9.90 -12.14 23.03
CA MET D 5 -11.28 -11.93 23.49
C MET D 5 -11.16 -11.82 24.98
N ARG D 6 -11.79 -10.79 25.56
CA ARG D 6 -11.71 -10.63 27.00
C ARG D 6 -13.04 -10.25 27.56
N TYR D 7 -13.38 -10.82 28.72
CA TYR D 7 -14.56 -10.41 29.44
C TYR D 7 -14.19 -9.83 30.78
N PHE D 8 -14.88 -8.74 31.16
CA PHE D 8 -14.58 -7.98 32.35
C PHE D 8 -15.84 -7.86 33.15
N PHE D 9 -15.73 -8.20 34.42
CA PHE D 9 -16.88 -8.20 35.30
C PHE D 9 -16.55 -7.39 36.52
N THR D 10 -17.50 -6.55 36.92
CA THR D 10 -17.35 -5.72 38.11
C THR D 10 -18.61 -5.86 38.94
N SER D 11 -18.41 -6.19 40.20
CA SER D 11 -19.49 -6.30 41.16
C SER D 11 -19.20 -5.40 42.34
N VAL D 12 -20.17 -4.57 42.72
CA VAL D 12 -19.94 -3.55 43.73
C VAL D 12 -21.08 -3.63 44.75
N SER D 13 -20.78 -3.88 46.02
CA SER D 13 -21.84 -3.94 47.02
C SER D 13 -22.33 -2.54 47.35
N ARG D 14 -23.60 -2.49 47.72
CA ARG D 14 -24.34 -1.26 48.02
C ARG D 14 -25.18 -1.50 49.29
N PRO D 15 -24.51 -1.57 50.46
CA PRO D 15 -25.21 -1.88 51.71
C PRO D 15 -26.38 -0.95 51.98
N GLY D 16 -27.51 -1.51 52.39
CA GLY D 16 -28.72 -0.74 52.68
C GLY D 16 -29.26 0.00 51.47
N ARG D 17 -28.88 -0.47 50.28
CA ARG D 17 -29.32 0.10 49.02
C ARG D 17 -29.60 -1.03 48.01
N GLY D 18 -29.85 -2.22 48.55
CA GLY D 18 -30.24 -3.36 47.74
C GLY D 18 -29.09 -4.19 47.19
N GLU D 19 -29.43 -5.02 46.20
CA GLU D 19 -28.51 -5.89 45.46
C GLU D 19 -27.23 -5.21 44.96
N PRO D 20 -26.10 -5.94 44.93
CA PRO D 20 -24.90 -5.32 44.37
C PRO D 20 -25.07 -5.03 42.89
N ARG D 21 -24.39 -4.00 42.41
CA ARG D 21 -24.42 -3.64 41.01
C ARG D 21 -23.42 -4.55 40.31
N PHE D 22 -23.85 -5.20 39.22
CA PHE D 22 -23.00 -6.08 38.44
C PHE D 22 -22.98 -5.63 36.98
N ILE D 23 -21.77 -5.41 36.45
CA ILE D 23 -21.60 -4.98 35.06
C ILE D 23 -20.63 -5.96 34.39
N ALA D 24 -21.04 -6.53 33.26
CA ALA D 24 -20.15 -7.40 32.46
C ALA D 24 -19.97 -6.74 31.11
N VAL D 25 -18.74 -6.71 30.60
CA VAL D 25 -18.52 -6.25 29.23
C VAL D 25 -17.63 -7.26 28.53
N GLY D 26 -17.77 -7.36 27.23
CA GLY D 26 -16.91 -8.25 26.44
C GLY D 26 -16.27 -7.46 25.32
N TYR D 27 -15.00 -7.77 25.05
CA TYR D 27 -14.25 -7.11 23.99
C TYR D 27 -13.64 -8.15 23.10
N VAL D 28 -13.55 -7.83 21.82
CA VAL D 28 -12.62 -8.49 20.93
C VAL D 28 -11.57 -7.43 20.60
N ASP D 29 -10.32 -7.72 20.93
CA ASP D 29 -9.27 -6.70 20.78
C ASP D 29 -9.80 -5.45 21.49
N ASP D 30 -9.78 -4.31 20.81
CA ASP D 30 -10.20 -3.07 21.41
C ASP D 30 -11.61 -2.66 21.07
N THR D 31 -12.43 -3.63 20.65
CA THR D 31 -13.81 -3.35 20.27
C THR D 31 -14.77 -4.07 21.21
N GLN D 32 -15.57 -3.29 21.95
CA GLN D 32 -16.56 -3.85 22.87
C GLN D 32 -17.68 -4.42 22.02
N PHE D 33 -18.22 -5.55 22.45
CA PHE D 33 -19.30 -6.15 21.66
C PHE D 33 -20.55 -6.54 22.47
N VAL D 34 -20.42 -6.71 23.79
CA VAL D 34 -21.59 -7.04 24.63
C VAL D 34 -21.50 -6.35 25.97
N ARG D 35 -22.66 -6.18 26.59
CA ARG D 35 -22.73 -5.80 27.99
C ARG D 35 -23.87 -6.50 28.70
N PHE D 36 -23.76 -6.50 30.02
CA PHE D 36 -24.87 -6.80 30.92
C PHE D 36 -24.72 -5.83 32.09
N ASP D 37 -25.83 -5.23 32.48
CA ASP D 37 -25.87 -4.33 33.64
C ASP D 37 -27.05 -4.75 34.50
N SER D 38 -26.75 -5.15 35.74
CA SER D 38 -27.74 -5.69 36.67
C SER D 38 -28.87 -4.69 37.00
N ASP D 39 -28.59 -3.40 36.82
CA ASP D 39 -29.55 -2.32 37.10
C ASP D 39 -30.40 -1.91 35.90
N ALA D 40 -30.05 -2.38 34.71
CA ALA D 40 -30.80 -2.08 33.51
C ALA D 40 -32.11 -2.86 33.46
N ALA D 41 -33.07 -2.38 32.67
CA ALA D 41 -34.40 -2.97 32.62
C ALA D 41 -34.45 -4.31 31.87
N SER D 42 -33.64 -4.45 30.83
CA SER D 42 -33.70 -5.66 30.00
C SER D 42 -33.41 -6.95 30.75
N GLN D 43 -32.44 -6.90 31.68
CA GLN D 43 -31.92 -8.11 32.32
C GLN D 43 -31.45 -9.11 31.27
N ARG D 44 -30.87 -8.61 30.18
CA ARG D 44 -30.31 -9.50 29.17
C ARG D 44 -28.91 -9.05 28.80
N MET D 45 -28.12 -9.99 28.30
CA MET D 45 -26.89 -9.61 27.61
C MET D 45 -27.30 -8.87 26.36
N GLU D 46 -26.62 -7.75 26.10
CA GLU D 46 -27.00 -6.83 25.03
C GLU D 46 -25.85 -6.57 24.06
N PRO D 47 -26.16 -6.40 22.75
CA PRO D 47 -25.09 -6.12 21.80
C PRO D 47 -24.58 -4.69 21.98
N ARG D 48 -23.29 -4.51 21.76
CA ARG D 48 -22.68 -3.19 21.80
C ARG D 48 -21.77 -3.00 20.59
N ALA D 49 -21.96 -3.85 19.59
CA ALA D 49 -21.29 -3.73 18.31
C ALA D 49 -22.24 -4.19 17.23
N PRO D 50 -22.30 -3.46 16.11
CA PRO D 50 -23.23 -3.91 15.06
C PRO D 50 -23.06 -5.38 14.61
N TRP D 51 -21.83 -5.87 14.48
CA TRP D 51 -21.55 -7.20 13.94
C TRP D 51 -22.01 -8.38 14.81
N ILE D 52 -22.24 -8.14 16.10
CA ILE D 52 -22.74 -9.21 16.97
C ILE D 52 -24.29 -9.24 16.93
N GLU D 53 -24.91 -8.20 16.39
CA GLU D 53 -26.38 -8.11 16.42
C GLU D 53 -27.04 -9.23 15.63
N GLN D 54 -26.33 -9.78 14.65
CA GLN D 54 -26.84 -10.84 13.77
C GLN D 54 -26.68 -12.26 14.33
N GLU D 55 -26.02 -12.39 15.48
CA GLU D 55 -26.10 -13.63 16.24
C GLU D 55 -27.57 -13.87 16.57
N GLY D 56 -27.99 -15.12 16.50
CA GLY D 56 -29.42 -15.42 16.62
C GLY D 56 -29.89 -15.41 18.07
N PRO D 57 -31.20 -15.65 18.29
CA PRO D 57 -31.73 -15.69 19.64
C PRO D 57 -31.12 -16.79 20.51
N GLU D 58 -30.67 -17.90 19.93
CA GLU D 58 -30.03 -18.94 20.73
C GLU D 58 -28.77 -18.34 21.41
N TYR D 59 -28.00 -17.58 20.63
CA TYR D 59 -26.85 -16.83 21.19
C TYR D 59 -27.23 -15.92 22.33
N TRP D 60 -28.17 -15.00 22.12
CA TRP D 60 -28.57 -14.03 23.15
C TRP D 60 -29.22 -14.66 24.36
N ASP D 61 -30.03 -15.69 24.15
CA ASP D 61 -30.60 -16.36 25.31
C ASP D 61 -29.54 -17.05 26.14
N GLY D 62 -28.58 -17.70 25.47
CA GLY D 62 -27.52 -18.43 26.16
C GLY D 62 -26.62 -17.49 26.94
N GLU D 63 -26.22 -16.41 26.27
CA GLU D 63 -25.33 -15.44 26.95
C GLU D 63 -26.04 -14.80 28.14
N THR D 64 -27.34 -14.59 28.01
CA THR D 64 -28.13 -14.01 29.09
C THR D 64 -28.22 -14.97 30.28
N ARG D 65 -28.53 -16.23 30.00
CA ARG D 65 -28.57 -17.27 31.03
C ARG D 65 -27.21 -17.34 31.75
N LYS D 66 -26.15 -17.43 30.97
CA LYS D 66 -24.83 -17.58 31.56
C LYS D 66 -24.41 -16.36 32.38
N VAL D 67 -24.74 -15.17 31.90
CA VAL D 67 -24.27 -13.96 32.54
C VAL D 67 -25.04 -13.70 33.82
N LYS D 68 -26.27 -14.18 33.89
CA LYS D 68 -27.04 -14.09 35.11
C LYS D 68 -26.42 -14.98 36.18
N ALA D 69 -26.00 -16.17 35.78
CA ALA D 69 -25.25 -17.09 36.66
C ALA D 69 -23.95 -16.47 37.18
N HIS D 70 -23.22 -15.76 36.32
CA HIS D 70 -22.04 -14.98 36.74
C HIS D 70 -22.40 -13.94 37.80
N SER D 71 -23.43 -13.15 37.51
CA SER D 71 -23.95 -12.15 38.44
C SER D 71 -24.23 -12.73 39.83
N GLN D 72 -24.95 -13.85 39.88
CA GLN D 72 -25.29 -14.44 41.16
C GLN D 72 -24.07 -14.92 41.93
N THR D 73 -23.18 -15.59 41.20
CA THR D 73 -21.94 -16.05 41.76
C THR D 73 -21.17 -14.92 42.42
N HIS D 74 -21.05 -13.78 41.73
CA HIS D 74 -20.34 -12.62 42.26
C HIS D 74 -21.04 -11.99 43.47
N ARG D 75 -22.36 -12.14 43.52
CA ARG D 75 -23.13 -11.71 44.69
C ARG D 75 -22.67 -12.48 45.92
N VAL D 76 -22.66 -13.81 45.79
CA VAL D 76 -22.14 -14.72 46.82
C VAL D 76 -20.71 -14.35 47.21
N ASP D 77 -19.85 -14.12 46.21
CA ASP D 77 -18.44 -13.76 46.43
C ASP D 77 -18.24 -12.51 47.30
N LEU D 78 -19.09 -11.50 47.11
CA LEU D 78 -18.97 -10.29 47.90
C LEU D 78 -19.16 -10.62 49.39
N GLY D 79 -20.11 -11.49 49.68
CA GLY D 79 -20.39 -11.96 51.05
C GLY D 79 -19.23 -12.76 51.61
N THR D 80 -18.81 -13.80 50.87
CA THR D 80 -17.65 -14.60 51.24
C THR D 80 -16.43 -13.75 51.58
N LEU D 81 -16.12 -12.77 50.73
CA LEU D 81 -14.91 -11.97 50.91
C LEU D 81 -15.00 -11.05 52.14
N ARG D 82 -16.17 -10.48 52.36
CA ARG D 82 -16.44 -9.70 53.57
C ARG D 82 -16.05 -10.57 54.76
N GLY D 83 -16.53 -11.81 54.76
CA GLY D 83 -16.20 -12.79 55.81
C GLY D 83 -14.70 -13.05 55.93
N TYR D 84 -14.07 -13.47 54.84
CA TYR D 84 -12.63 -13.77 54.85
C TYR D 84 -11.78 -12.63 55.40
N TYR D 85 -12.22 -11.40 55.17
CA TYR D 85 -11.48 -10.22 55.59
C TYR D 85 -12.06 -9.56 56.84
N ASN D 86 -13.08 -10.19 57.41
CA ASN D 86 -13.67 -9.76 58.68
C ASN D 86 -14.16 -8.32 58.59
N GLN D 87 -14.79 -8.01 57.46
CA GLN D 87 -15.27 -6.66 57.18
C GLN D 87 -16.72 -6.46 57.56
N SER D 88 -17.04 -5.22 57.95
CA SER D 88 -18.39 -4.80 58.26
C SER D 88 -19.32 -4.88 57.06
N GLU D 89 -20.60 -5.13 57.34
CA GLU D 89 -21.61 -5.20 56.29
C GLU D 89 -22.03 -3.81 55.79
N ALA D 90 -21.43 -2.77 56.36
CA ALA D 90 -21.82 -1.39 56.10
C ALA D 90 -21.14 -0.72 54.91
N GLY D 91 -19.91 -1.14 54.60
CA GLY D 91 -19.09 -0.48 53.58
C GLY D 91 -19.22 -1.12 52.21
N SER D 92 -18.95 -0.35 51.16
CA SER D 92 -19.00 -0.83 49.77
C SER D 92 -17.67 -1.45 49.38
N HIS D 93 -17.72 -2.59 48.71
CA HIS D 93 -16.53 -3.31 48.25
C HIS D 93 -16.72 -3.73 46.81
N THR D 94 -15.62 -4.08 46.15
CA THR D 94 -15.64 -4.34 44.72
C THR D 94 -14.95 -5.65 44.42
N VAL D 95 -15.63 -6.53 43.69
CA VAL D 95 -15.01 -7.71 43.09
C VAL D 95 -14.89 -7.43 41.60
N GLN D 96 -13.73 -7.73 41.04
CA GLN D 96 -13.53 -7.64 39.59
C GLN D 96 -12.99 -8.97 39.13
N ARG D 97 -13.38 -9.37 37.94
CA ARG D 97 -12.88 -10.61 37.37
C ARG D 97 -12.67 -10.34 35.90
N MET D 98 -11.59 -10.89 35.36
CA MET D 98 -11.33 -10.81 33.92
C MET D 98 -10.89 -12.19 33.45
N TYR D 99 -11.35 -12.59 32.27
CA TYR D 99 -10.83 -13.81 31.69
C TYR D 99 -10.94 -13.74 30.19
N GLY D 100 -10.17 -14.58 29.53
CA GLY D 100 -10.16 -14.57 28.08
C GLY D 100 -8.95 -15.25 27.49
N CYS D 101 -8.79 -15.09 26.18
CA CYS D 101 -7.70 -15.78 25.48
C CYS D 101 -7.05 -14.87 24.47
N ASP D 102 -5.77 -15.11 24.19
CA ASP D 102 -5.05 -14.41 23.12
C ASP D 102 -4.74 -15.43 22.05
N VAL D 103 -4.79 -14.98 20.80
CA VAL D 103 -4.33 -15.79 19.67
C VAL D 103 -3.32 -14.99 18.84
N GLY D 104 -2.47 -15.68 18.09
CA GLY D 104 -1.50 -14.99 17.22
C GLY D 104 -2.06 -14.52 15.89
N SER D 105 -1.17 -14.01 15.02
CA SER D 105 -1.55 -13.66 13.64
C SER D 105 -2.23 -14.81 12.91
N ASP D 106 -1.90 -16.03 13.35
CA ASP D 106 -2.40 -17.27 12.76
C ASP D 106 -3.68 -17.79 13.43
N TRP D 107 -4.24 -16.98 14.33
CA TRP D 107 -5.45 -17.32 15.10
C TRP D 107 -5.35 -18.58 15.99
N ARG D 108 -4.11 -18.98 16.28
CA ARG D 108 -3.85 -20.09 17.18
C ARG D 108 -3.69 -19.59 18.61
N PHE D 109 -4.17 -20.37 19.56
CA PHE D 109 -4.01 -20.07 20.98
C PHE D 109 -2.58 -19.68 21.37
N LEU D 110 -2.48 -18.58 22.10
CA LEU D 110 -1.22 -18.07 22.61
C LEU D 110 -1.18 -18.14 24.15
N ARG D 111 -2.25 -17.65 24.78
CA ARG D 111 -2.26 -17.42 26.22
C ARG D 111 -3.70 -17.40 26.70
N GLY D 112 -3.95 -17.91 27.90
CA GLY D 112 -5.26 -17.78 28.54
C GLY D 112 -5.11 -17.10 29.89
N TYR D 113 -6.18 -16.43 30.33
CA TYR D 113 -6.20 -15.66 31.59
C TYR D 113 -7.48 -15.85 32.34
N HIS D 114 -7.41 -15.84 33.67
CA HIS D 114 -8.62 -15.85 34.44
C HIS D 114 -8.21 -15.39 35.83
N GLN D 115 -8.61 -14.18 36.19
CA GLN D 115 -8.10 -13.62 37.43
C GLN D 115 -9.11 -12.70 38.10
N TYR D 116 -8.94 -12.52 39.40
CA TYR D 116 -9.84 -11.72 40.24
C TYR D 116 -9.09 -10.69 41.04
N ALA D 117 -9.81 -9.63 41.39
CA ALA D 117 -9.31 -8.63 42.31
C ALA D 117 -10.40 -8.30 43.29
N TYR D 118 -9.98 -7.95 44.50
CA TYR D 118 -10.92 -7.49 45.53
C TYR D 118 -10.47 -6.12 45.98
N ASP D 119 -11.38 -5.16 45.95
CA ASP D 119 -11.05 -3.78 46.28
C ASP D 119 -9.77 -3.31 45.60
N GLY D 120 -9.67 -3.65 44.31
CA GLY D 120 -8.60 -3.14 43.46
C GLY D 120 -7.23 -3.77 43.57
N LYS D 121 -7.15 -4.82 44.40
CA LYS D 121 -5.89 -5.57 44.61
C LYS D 121 -6.05 -7.00 44.07
N ASP D 122 -4.99 -7.51 43.45
CA ASP D 122 -4.99 -8.91 43.02
C ASP D 122 -5.52 -9.79 44.13
N TYR D 123 -6.33 -10.78 43.78
CA TYR D 123 -6.80 -11.75 44.75
C TYR D 123 -6.30 -13.13 44.37
N ILE D 124 -6.73 -13.63 43.22
CA ILE D 124 -6.28 -14.92 42.74
C ILE D 124 -6.21 -14.89 41.23
N ALA D 125 -5.21 -15.55 40.65
CA ALA D 125 -5.05 -15.56 39.20
C ALA D 125 -4.62 -16.92 38.72
N LEU D 126 -5.22 -17.36 37.62
CA LEU D 126 -4.76 -18.59 36.96
C LEU D 126 -3.42 -18.27 36.32
N LYS D 127 -2.43 -19.12 36.60
CA LYS D 127 -1.11 -18.96 36.00
C LYS D 127 -1.13 -19.39 34.53
N GLU D 128 -0.09 -18.98 33.81
CA GLU D 128 -0.04 -19.22 32.39
C GLU D 128 -0.13 -20.69 32.01
N ASP D 129 0.36 -21.61 32.85
CA ASP D 129 0.29 -23.03 32.50
C ASP D 129 -1.12 -23.60 32.56
N LEU D 130 -2.07 -22.77 33.04
CA LEU D 130 -3.47 -23.14 33.11
C LEU D 130 -3.73 -24.30 34.07
N ARG D 131 -2.77 -24.53 34.98
CA ARG D 131 -2.84 -25.66 35.91
C ARG D 131 -2.67 -25.26 37.38
N SER D 132 -2.25 -24.03 37.62
CA SER D 132 -1.96 -23.60 38.97
C SER D 132 -2.44 -22.19 39.20
N TRP D 133 -2.53 -21.84 40.48
CA TRP D 133 -3.05 -20.54 40.88
C TRP D 133 -2.03 -19.71 41.64
N THR D 134 -2.07 -18.40 41.42
CA THR D 134 -1.33 -17.45 42.25
C THR D 134 -2.31 -16.79 43.20
N ALA D 135 -2.17 -17.11 44.49
CA ALA D 135 -2.99 -16.51 45.53
C ALA D 135 -2.22 -15.32 46.11
N ALA D 136 -2.83 -14.14 46.10
CA ALA D 136 -2.14 -12.91 46.46
C ALA D 136 -1.90 -12.76 47.96
N ASP D 137 -2.71 -13.45 48.76
CA ASP D 137 -2.67 -13.32 50.21
C ASP D 137 -3.27 -14.54 50.91
N MET D 138 -3.30 -14.49 52.24
CA MET D 138 -3.77 -15.62 53.04
C MET D 138 -5.21 -16.03 52.73
N ALA D 139 -6.12 -15.07 52.56
CA ALA D 139 -7.51 -15.38 52.20
C ALA D 139 -7.61 -16.07 50.83
N ALA D 140 -6.85 -15.58 49.87
CA ALA D 140 -6.89 -16.20 48.54
C ALA D 140 -6.33 -17.63 48.54
N GLN D 141 -5.49 -17.96 49.52
CA GLN D 141 -4.99 -19.36 49.66
C GLN D 141 -6.14 -20.31 49.97
N THR D 142 -7.12 -19.82 50.72
CA THR D 142 -8.34 -20.58 50.94
C THR D 142 -9.13 -20.84 49.66
N THR D 143 -9.28 -19.80 48.85
CA THR D 143 -9.91 -19.96 47.55
C THR D 143 -9.15 -20.94 46.68
N LYS D 144 -7.83 -20.79 46.68
CA LYS D 144 -6.93 -21.66 45.91
C LYS D 144 -7.17 -23.14 46.24
N HIS D 145 -7.16 -23.49 47.52
CA HIS D 145 -7.48 -24.88 47.91
C HIS D 145 -8.84 -25.36 47.45
N LYS D 146 -9.88 -24.54 47.63
CA LYS D 146 -11.20 -24.88 47.20
C LYS D 146 -11.22 -25.19 45.70
N TRP D 147 -10.61 -24.32 44.93
CA TRP D 147 -10.59 -24.48 43.47
C TRP D 147 -9.71 -25.63 43.00
N GLU D 148 -8.65 -25.93 43.75
CA GLU D 148 -7.83 -27.11 43.45
C GLU D 148 -8.65 -28.38 43.69
N ALA D 149 -9.39 -28.42 44.79
CA ALA D 149 -10.20 -29.59 45.11
C ALA D 149 -11.33 -29.82 44.13
N ALA D 150 -11.87 -28.72 43.59
CA ALA D 150 -12.97 -28.80 42.62
C ALA D 150 -12.46 -28.86 41.17
N HIS D 151 -11.14 -28.93 41.01
CA HIS D 151 -10.53 -29.00 39.67
C HIS D 151 -11.05 -27.92 38.74
N VAL D 152 -11.09 -26.70 39.28
CA VAL D 152 -11.58 -25.55 38.53
C VAL D 152 -10.64 -25.21 37.36
N ALA D 153 -9.33 -25.23 37.59
CA ALA D 153 -8.34 -24.91 36.56
C ALA D 153 -8.47 -25.78 35.31
N GLU D 154 -8.66 -27.08 35.52
CA GLU D 154 -8.91 -28.01 34.41
C GLU D 154 -10.14 -27.63 33.60
N GLN D 155 -11.23 -27.35 34.29
CA GLN D 155 -12.44 -26.91 33.59
C GLN D 155 -12.19 -25.64 32.82
N LEU D 156 -11.46 -24.71 33.45
CA LEU D 156 -11.15 -23.44 32.80
C LEU D 156 -10.26 -23.61 31.57
N ARG D 157 -9.27 -24.51 31.64
CA ARG D 157 -8.39 -24.67 30.49
C ARG D 157 -9.16 -25.14 29.23
N ALA D 158 -10.15 -26.00 29.41
CA ALA D 158 -10.96 -26.48 28.29
C ALA D 158 -11.61 -25.30 27.56
N TYR D 159 -12.08 -24.33 28.36
CA TYR D 159 -12.65 -23.13 27.80
C TYR D 159 -11.58 -22.23 27.19
N LEU D 160 -10.53 -21.96 27.95
CA LEU D 160 -9.57 -20.93 27.54
C LEU D 160 -8.83 -21.31 26.26
N GLU D 161 -8.50 -22.59 26.15
CA GLU D 161 -7.76 -23.13 25.01
C GLU D 161 -8.65 -23.50 23.84
N GLY D 162 -9.93 -23.75 24.13
CA GLY D 162 -10.83 -24.36 23.15
C GLY D 162 -11.93 -23.37 22.84
N THR D 163 -12.98 -23.41 23.66
CA THR D 163 -14.18 -22.62 23.43
C THR D 163 -13.88 -21.13 23.17
N CYS D 164 -13.05 -20.54 24.02
CA CYS D 164 -12.70 -19.12 23.92
C CYS D 164 -12.14 -18.78 22.53
N VAL D 165 -11.23 -19.62 22.06
CA VAL D 165 -10.53 -19.38 20.80
C VAL D 165 -11.53 -19.57 19.66
N GLU D 166 -12.38 -20.58 19.79
CA GLU D 166 -13.39 -20.81 18.75
C GLU D 166 -14.35 -19.61 18.60
N TRP D 167 -14.81 -19.07 19.73
CA TRP D 167 -15.65 -17.87 19.71
C TRP D 167 -14.94 -16.70 19.05
N LEU D 168 -13.69 -16.50 19.48
CA LEU D 168 -12.85 -15.40 19.01
C LEU D 168 -12.72 -15.48 17.49
N ARG D 169 -12.38 -16.68 16.97
CA ARG D 169 -12.27 -16.91 15.53
C ARG D 169 -13.57 -16.62 14.81
N ARG D 170 -14.69 -17.08 15.37
CA ARG D 170 -16.04 -16.78 14.84
C ARG D 170 -16.33 -15.29 14.78
N TYR D 171 -16.04 -14.58 15.86
CA TYR D 171 -16.25 -13.15 15.90
C TYR D 171 -15.36 -12.42 14.91
N LEU D 172 -14.10 -12.88 14.81
CA LEU D 172 -13.17 -12.24 13.86
C LEU D 172 -13.66 -12.34 12.43
N GLU D 173 -14.22 -13.50 12.09
CA GLU D 173 -14.73 -13.64 10.74
C GLU D 173 -16.02 -12.86 10.54
N ASN D 174 -16.98 -13.04 11.44
CA ASN D 174 -18.26 -12.37 11.30
C ASN D 174 -18.17 -10.83 11.34
N GLY D 175 -17.28 -10.31 12.19
CA GLY D 175 -17.04 -8.87 12.24
C GLY D 175 -15.81 -8.42 11.46
N LYS D 176 -15.43 -9.20 10.44
CA LYS D 176 -14.20 -8.97 9.67
C LYS D 176 -13.98 -7.51 9.30
N GLU D 177 -15.03 -6.87 8.78
CA GLU D 177 -14.95 -5.46 8.36
C GLU D 177 -14.45 -4.54 9.47
N THR D 178 -14.93 -4.79 10.69
CA THR D 178 -14.61 -4.01 11.89
C THR D 178 -13.32 -4.55 12.54
N LEU D 179 -13.28 -5.86 12.78
CA LEU D 179 -12.25 -6.45 13.64
C LEU D 179 -10.93 -6.74 12.96
N GLN D 180 -10.97 -7.08 11.68
CA GLN D 180 -9.74 -7.43 10.99
C GLN D 180 -9.09 -6.22 10.31
N ARG D 181 -9.64 -5.04 10.56
CA ARG D 181 -9.10 -3.86 9.92
C ARG D 181 -7.88 -3.35 10.70
N THR D 182 -7.00 -2.67 9.99
CA THR D 182 -6.02 -1.84 10.66
C THR D 182 -6.28 -0.44 10.13
N ASP D 183 -6.54 0.49 11.05
CA ASP D 183 -6.59 1.90 10.67
C ASP D 183 -5.27 2.50 11.13
N ALA D 184 -4.37 2.77 10.18
CA ALA D 184 -3.12 3.42 10.55
C ALA D 184 -3.38 4.83 11.06
N PRO D 185 -2.57 5.29 12.03
CA PRO D 185 -2.82 6.62 12.56
C PRO D 185 -2.60 7.71 11.51
N LYS D 186 -3.50 8.69 11.51
CA LYS D 186 -3.33 9.92 10.76
C LYS D 186 -2.53 10.83 11.69
N THR D 187 -1.36 11.29 11.24
CA THR D 187 -0.48 12.04 12.11
C THR D 187 -0.26 13.48 11.68
N HIS D 188 -0.09 14.35 12.66
CA HIS D 188 0.37 15.70 12.41
C HIS D 188 1.05 16.29 13.63
N MET D 189 1.76 17.40 13.45
CA MET D 189 2.31 18.15 14.57
C MET D 189 1.67 19.50 14.68
N THR D 190 1.60 20.01 15.89
CA THR D 190 1.27 21.41 16.11
C THR D 190 2.40 22.10 16.86
N HIS D 191 2.42 23.43 16.76
CA HIS D 191 3.44 24.25 17.36
C HIS D 191 2.71 25.44 17.99
N HIS D 192 2.99 25.70 19.25
CA HIS D 192 2.44 26.84 19.96
C HIS D 192 3.52 27.52 20.79
N ALA D 193 3.67 28.82 20.60
CA ALA D 193 4.64 29.58 21.39
C ALA D 193 4.14 29.78 22.82
N VAL D 194 4.88 29.19 23.77
CA VAL D 194 4.57 29.30 25.20
C VAL D 194 5.04 30.65 25.75
N SER D 195 6.02 31.23 25.08
CA SER D 195 6.63 32.52 25.42
C SER D 195 7.48 32.94 24.23
N ASP D 196 8.31 33.97 24.43
CA ASP D 196 9.28 34.36 23.41
C ASP D 196 10.47 33.40 23.28
N HIS D 197 10.64 32.48 24.23
CA HIS D 197 11.84 31.60 24.23
C HIS D 197 11.56 30.10 24.18
N GLU D 198 10.30 29.70 24.28
CA GLU D 198 9.94 28.28 24.23
C GLU D 198 8.67 28.06 23.44
N ALA D 199 8.55 26.86 22.89
CA ALA D 199 7.37 26.50 22.11
C ALA D 199 7.02 25.06 22.49
N THR D 200 5.72 24.77 22.53
CA THR D 200 5.28 23.38 22.65
C THR D 200 5.14 22.76 21.27
N LEU D 201 5.78 21.60 21.09
CA LEU D 201 5.56 20.79 19.91
C LEU D 201 4.74 19.60 20.37
N ARG D 202 3.63 19.40 19.70
CA ARG D 202 2.75 18.27 20.04
C ARG D 202 2.58 17.41 18.81
N CYS D 203 2.79 16.10 19.00
CA CYS D 203 2.68 15.13 17.93
C CYS D 203 1.40 14.36 18.17
N TRP D 204 0.57 14.29 17.13
CA TRP D 204 -0.75 13.67 17.23
C TRP D 204 -0.87 12.42 16.39
N ALA D 205 -1.57 11.44 16.95
CA ALA D 205 -1.94 10.23 16.24
C ALA D 205 -3.45 10.10 16.41
N LEU D 206 -4.17 10.10 15.29
CA LEU D 206 -5.64 10.09 15.35
C LEU D 206 -6.21 9.00 14.50
N SER D 207 -7.41 8.55 14.86
CA SER D 207 -8.20 7.69 14.03
C SER D 207 -7.52 6.34 13.74
N PHE D 208 -6.81 5.83 14.74
CA PHE D 208 -6.18 4.55 14.54
C PHE D 208 -6.88 3.38 15.24
N TYR D 209 -6.60 2.19 14.73
CA TYR D 209 -7.12 0.94 15.30
C TYR D 209 -6.18 -0.16 14.85
N PRO D 210 -5.78 -1.08 15.76
CA PRO D 210 -6.19 -1.15 17.17
C PRO D 210 -5.51 -0.08 18.03
N ALA D 211 -5.72 -0.15 19.34
CA ALA D 211 -5.26 0.90 20.23
C ALA D 211 -3.75 0.90 20.44
N GLU D 212 -3.12 -0.26 20.32
CA GLU D 212 -1.67 -0.34 20.55
C GLU D 212 -0.91 0.61 19.62
N ILE D 213 -0.06 1.44 20.22
CA ILE D 213 0.72 2.41 19.46
C ILE D 213 1.90 2.82 20.32
N THR D 214 2.96 3.24 19.64
CA THR D 214 4.09 3.83 20.34
C THR D 214 4.30 5.19 19.74
N LEU D 215 4.36 6.20 20.60
CA LEU D 215 4.49 7.56 20.18
C LEU D 215 5.56 8.21 21.08
N THR D 216 6.63 8.69 20.45
CA THR D 216 7.77 9.20 21.22
C THR D 216 8.29 10.48 20.56
N TRP D 217 8.97 11.31 21.37
CA TRP D 217 9.77 12.40 20.90
C TRP D 217 11.22 12.06 21.16
N GLN D 218 12.06 12.47 20.22
CA GLN D 218 13.51 12.39 20.38
C GLN D 218 14.11 13.74 20.10
N ARG D 219 15.26 14.01 20.72
CA ARG D 219 16.04 15.18 20.38
C ARG D 219 17.39 14.68 19.84
N ASP D 220 17.78 15.12 18.65
CA ASP D 220 18.94 14.55 17.93
C ASP D 220 18.88 13.02 17.93
N GLY D 221 17.67 12.48 17.78
CA GLY D 221 17.47 11.03 17.77
C GLY D 221 17.67 10.33 19.10
N GLU D 222 17.66 11.08 20.20
CA GLU D 222 17.91 10.54 21.53
C GLU D 222 16.67 10.65 22.40
N ASP D 223 16.61 9.79 23.40
CA ASP D 223 15.43 9.66 24.25
C ASP D 223 15.05 10.96 24.94
N GLN D 224 13.75 11.21 24.97
CA GLN D 224 13.24 12.39 25.64
C GLN D 224 12.11 12.01 26.59
N THR D 225 12.16 10.79 27.09
CA THR D 225 11.05 10.20 27.86
C THR D 225 10.63 11.10 29.03
N GLN D 226 11.61 11.55 29.82
CA GLN D 226 11.33 12.35 31.00
C GLN D 226 10.88 13.75 30.68
N ASP D 227 11.11 14.19 29.44
CA ASP D 227 10.71 15.52 29.04
C ASP D 227 9.46 15.53 28.17
N THR D 228 8.90 14.34 27.95
CA THR D 228 7.73 14.23 27.09
C THR D 228 6.48 14.09 27.95
N GLU D 229 5.46 14.88 27.63
CA GLU D 229 4.15 14.68 28.21
C GLU D 229 3.42 13.77 27.24
N LEU D 230 3.07 12.59 27.73
CA LEU D 230 2.47 11.54 26.91
C LEU D 230 1.13 11.23 27.54
N VAL D 231 0.05 11.43 26.80
CA VAL D 231 -1.26 11.12 27.36
C VAL D 231 -1.62 9.66 27.14
N GLU D 232 -2.50 9.13 27.98
CA GLU D 232 -2.97 7.76 27.77
C GLU D 232 -3.71 7.66 26.46
N THR D 233 -3.51 6.55 25.73
CA THR D 233 -4.30 6.31 24.51
C THR D 233 -5.77 6.37 24.86
N ARG D 234 -6.55 7.07 24.03
CA ARG D 234 -7.91 7.41 24.43
C ARG D 234 -8.89 7.11 23.29
N PRO D 235 -10.11 6.66 23.63
CA PRO D 235 -11.09 6.38 22.58
C PRO D 235 -11.66 7.65 22.00
N ALA D 236 -11.83 7.66 20.68
CA ALA D 236 -12.42 8.79 20.01
C ALA D 236 -13.94 8.74 20.13
N GLY D 237 -14.44 7.52 20.36
CA GLY D 237 -15.87 7.27 20.58
C GLY D 237 -16.53 6.61 19.35
N ASP D 238 -15.77 6.53 18.26
CA ASP D 238 -16.22 5.98 16.97
C ASP D 238 -15.54 4.66 16.61
N GLY D 239 -14.88 4.05 17.60
CA GLY D 239 -14.20 2.80 17.41
C GLY D 239 -12.72 2.95 17.14
N THR D 240 -12.26 4.19 17.01
CA THR D 240 -10.82 4.47 16.81
C THR D 240 -10.24 5.11 18.06
N PHE D 241 -8.92 5.28 18.02
CA PHE D 241 -8.17 5.82 19.16
C PHE D 241 -7.31 7.00 18.79
N GLN D 242 -6.94 7.74 19.82
CA GLN D 242 -6.13 8.94 19.69
C GLN D 242 -5.00 8.89 20.73
N LYS D 243 -3.94 9.61 20.42
CA LYS D 243 -2.91 9.79 21.45
C LYS D 243 -2.12 11.01 20.99
N TRP D 244 -1.56 11.72 21.95
CA TRP D 244 -0.54 12.71 21.63
C TRP D 244 0.63 12.70 22.61
N ALA D 245 1.73 13.31 22.16
CA ALA D 245 2.96 13.43 22.95
C ALA D 245 3.45 14.84 22.72
N ALA D 246 3.85 15.52 23.79
CA ALA D 246 4.32 16.91 23.65
C ALA D 246 5.65 17.13 24.33
N VAL D 247 6.45 17.99 23.73
CA VAL D 247 7.64 18.49 24.38
C VAL D 247 7.63 20.00 24.29
N VAL D 248 8.21 20.62 25.31
CA VAL D 248 8.39 22.07 25.28
C VAL D 248 9.86 22.29 24.94
N VAL D 249 10.08 23.00 23.85
CA VAL D 249 11.43 23.10 23.30
C VAL D 249 11.87 24.54 23.29
N PRO D 250 13.18 24.75 23.45
CA PRO D 250 13.66 26.12 23.30
C PRO D 250 13.41 26.63 21.87
N SER D 251 12.94 27.87 21.76
CA SER D 251 12.65 28.47 20.47
C SER D 251 13.89 28.50 19.62
N GLY D 252 13.76 28.00 18.39
CA GLY D 252 14.88 27.91 17.47
C GLY D 252 15.46 26.51 17.43
N GLN D 253 15.06 25.64 18.37
CA GLN D 253 15.56 24.26 18.36
C GLN D 253 14.58 23.24 17.81
N GLU D 254 13.50 23.73 17.21
CA GLU D 254 12.45 22.86 16.68
C GLU D 254 12.95 21.71 15.82
N GLN D 255 13.91 22.04 14.94
CA GLN D 255 14.49 21.07 13.99
C GLN D 255 15.24 19.90 14.64
N ARG D 256 15.60 20.04 15.92
CA ARG D 256 16.32 18.95 16.59
C ARG D 256 15.40 17.81 16.99
N TYR D 257 14.11 18.10 17.00
CA TYR D 257 13.17 17.17 17.61
C TYR D 257 12.45 16.38 16.55
N THR D 258 12.22 15.10 16.82
CA THR D 258 11.45 14.29 15.89
C THR D 258 10.45 13.48 16.67
N CYS D 259 9.26 13.32 16.08
CA CYS D 259 8.24 12.48 16.68
C CYS D 259 8.25 11.16 15.95
N HIS D 260 8.11 10.09 16.69
CA HIS D 260 8.20 8.75 16.11
C HIS D 260 6.94 7.99 16.41
N VAL D 261 6.38 7.38 15.37
CA VAL D 261 5.10 6.68 15.49
C VAL D 261 5.24 5.26 14.97
N GLN D 262 4.84 4.32 15.82
CA GLN D 262 4.83 2.90 15.48
C GLN D 262 3.42 2.39 15.69
N HIS D 263 2.92 1.66 14.69
CA HIS D 263 1.58 1.11 14.76
C HIS D 263 1.45 0.00 13.73
N GLU D 264 0.62 -1.00 14.04
CA GLU D 264 0.40 -2.14 13.16
C GLU D 264 0.04 -1.75 11.72
N GLY D 265 -0.63 -0.60 11.57
CA GLY D 265 -1.10 -0.12 10.28
C GLY D 265 -0.04 0.56 9.47
N LEU D 266 1.14 0.76 10.06
CA LEU D 266 2.25 1.42 9.38
C LEU D 266 3.33 0.41 8.99
N PRO D 267 3.55 0.22 7.68
CA PRO D 267 4.51 -0.78 7.22
C PRO D 267 5.90 -0.46 7.75
N LYS D 268 6.11 0.83 8.00
CA LYS D 268 7.39 1.37 8.45
C LYS D 268 7.05 2.48 9.46
N PRO D 269 7.76 2.51 10.60
CA PRO D 269 7.54 3.64 11.53
C PRO D 269 7.63 5.00 10.86
N LEU D 270 6.86 5.96 11.36
CA LEU D 270 6.90 7.32 10.86
C LEU D 270 7.82 8.15 11.71
N THR D 271 8.47 9.10 11.06
CA THR D 271 9.25 10.12 11.72
C THR D 271 8.78 11.46 11.20
N LEU D 272 8.39 12.32 12.12
CA LEU D 272 7.93 13.64 11.79
C LEU D 272 8.86 14.65 12.43
N ARG D 273 9.10 15.74 11.72
CA ARG D 273 9.99 16.81 12.17
C ARG D 273 9.31 18.11 11.82
N TRP D 274 9.33 19.08 12.73
CA TRP D 274 8.80 20.42 12.45
C TRP D 274 9.84 21.06 11.55
N GLU D 275 9.52 21.23 10.27
CA GLU D 275 10.48 21.79 9.32
C GLU D 275 10.05 23.18 8.90
N PRO D 276 8.85 23.44 8.74
N MET E 1 -8.61 1.01 52.13
CA MET E 1 -8.46 0.28 50.84
C MET E 1 -7.90 1.16 49.71
N ILE E 2 -7.63 0.51 48.57
CA ILE E 2 -7.05 1.15 47.40
C ILE E 2 -7.94 2.28 46.91
N GLN E 3 -7.30 3.41 46.66
CA GLN E 3 -7.93 4.52 45.96
C GLN E 3 -6.96 5.04 44.93
N ARG E 4 -7.40 5.12 43.67
CA ARG E 4 -6.57 5.62 42.60
C ARG E 4 -7.33 6.76 41.95
N THR E 5 -6.59 7.84 41.67
CA THR E 5 -7.17 9.09 41.18
C THR E 5 -7.42 8.99 39.70
N PRO E 6 -8.59 9.48 39.25
CA PRO E 6 -8.81 9.49 37.80
C PRO E 6 -7.86 10.41 37.04
N LYS E 7 -7.37 9.90 35.90
CA LYS E 7 -6.76 10.74 34.91
C LYS E 7 -7.92 11.26 34.08
N ILE E 8 -7.80 12.50 33.66
CA ILE E 8 -8.89 13.16 32.94
C ILE E 8 -8.37 13.79 31.67
N GLN E 9 -9.03 13.43 30.58
CA GLN E 9 -8.81 14.10 29.31
C GLN E 9 -10.10 14.56 28.71
N VAL E 10 -10.09 15.82 28.29
CA VAL E 10 -11.25 16.38 27.60
C VAL E 10 -10.86 16.78 26.20
N TYR E 11 -11.64 16.36 25.22
CA TYR E 11 -11.25 16.52 23.83
C TYR E 11 -12.41 16.26 22.91
N SER E 12 -12.28 16.75 21.68
CA SER E 12 -13.29 16.46 20.67
C SER E 12 -12.94 15.20 19.87
N ARG E 13 -13.95 14.50 19.36
CA ARG E 13 -13.73 13.32 18.55
C ARG E 13 -12.96 13.67 17.25
N HIS E 14 -13.42 14.72 16.56
CA HIS E 14 -12.75 15.24 15.37
C HIS E 14 -12.14 16.60 15.68
N PRO E 15 -11.20 17.06 14.82
CA PRO E 15 -10.72 18.44 15.07
C PRO E 15 -11.85 19.44 15.11
N ALA E 16 -11.79 20.37 16.05
CA ALA E 16 -12.84 21.34 16.25
C ALA E 16 -12.87 22.31 15.10
N GLU E 17 -14.01 22.39 14.46
CA GLU E 17 -14.19 23.32 13.40
C GLU E 17 -15.43 24.06 13.69
N ASN E 18 -15.32 25.37 13.85
CA ASN E 18 -16.52 26.14 14.21
C ASN E 18 -17.68 25.89 13.26
N GLY E 19 -18.85 25.68 13.83
CA GLY E 19 -20.08 25.42 13.06
C GLY E 19 -20.31 24.00 12.59
N LYS E 20 -19.35 23.10 12.84
CA LYS E 20 -19.42 21.71 12.35
C LYS E 20 -19.66 20.75 13.48
N SER E 21 -20.56 19.79 13.25
CA SER E 21 -21.04 18.91 14.30
C SER E 21 -19.87 18.02 14.74
N ASN E 22 -19.88 17.61 15.99
CA ASN E 22 -18.75 16.87 16.56
C ASN E 22 -19.22 16.16 17.82
N PHE E 23 -18.28 15.52 18.50
CA PHE E 23 -18.55 14.98 19.84
C PHE E 23 -17.52 15.51 20.79
N LEU E 24 -17.99 15.94 21.95
CA LEU E 24 -17.10 16.29 23.05
C LEU E 24 -16.99 15.15 24.00
N ASN E 25 -15.76 14.77 24.31
CA ASN E 25 -15.46 13.61 25.14
C ASN E 25 -14.79 14.02 26.41
N CYS E 26 -15.11 13.31 27.48
CA CYS E 26 -14.27 13.36 28.67
C CYS E 26 -13.95 11.92 29.03
N TYR E 27 -12.67 11.57 28.90
CA TYR E 27 -12.25 10.24 29.19
C TYR E 27 -11.58 10.24 30.55
N VAL E 28 -12.09 9.39 31.44
CA VAL E 28 -11.52 9.25 32.78
C VAL E 28 -11.01 7.84 32.91
N SER E 29 -9.81 7.70 33.45
CA SER E 29 -9.21 6.39 33.52
C SER E 29 -8.32 6.31 34.74
N GLY E 30 -7.91 5.09 35.01
CA GLY E 30 -6.95 4.87 36.10
C GLY E 30 -7.49 5.00 37.50
N PHE E 31 -8.81 5.01 37.64
CA PHE E 31 -9.41 5.24 38.96
C PHE E 31 -9.94 4.01 39.69
N HIS E 32 -10.08 4.15 41.00
CA HIS E 32 -10.58 3.12 41.86
C HIS E 32 -10.91 3.79 43.19
N PRO E 33 -12.10 3.52 43.75
CA PRO E 33 -13.14 2.61 43.24
C PRO E 33 -13.92 3.20 42.07
N SER E 34 -14.93 2.48 41.60
CA SER E 34 -15.62 2.85 40.36
C SER E 34 -16.64 4.00 40.48
N ASP E 35 -17.02 4.35 41.71
CA ASP E 35 -17.96 5.46 41.95
C ASP E 35 -17.30 6.76 41.53
N ILE E 36 -17.88 7.42 40.53
CA ILE E 36 -17.30 8.65 39.99
C ILE E 36 -18.43 9.50 39.42
N GLU E 37 -18.23 10.81 39.47
CA GLU E 37 -19.17 11.77 38.90
C GLU E 37 -18.40 12.53 37.82
N VAL E 38 -18.95 12.53 36.60
CA VAL E 38 -18.31 13.19 35.48
C VAL E 38 -19.38 14.01 34.77
N ASP E 39 -19.13 15.30 34.67
CA ASP E 39 -20.00 16.17 33.88
C ASP E 39 -19.24 16.90 32.82
N LEU E 40 -19.92 17.19 31.71
CA LEU E 40 -19.32 18.05 30.71
C LEU E 40 -20.01 19.38 30.87
N LEU E 41 -19.25 20.46 30.76
CA LEU E 41 -19.79 21.81 31.01
C LEU E 41 -19.66 22.67 29.77
N LYS E 42 -20.69 23.47 29.48
CA LYS E 42 -20.66 24.43 28.40
C LYS E 42 -20.82 25.79 29.02
N ASN E 43 -19.80 26.64 28.89
CA ASN E 43 -19.86 27.96 29.56
C ASN E 43 -20.30 27.84 31.01
N GLY E 44 -19.80 26.80 31.68
CA GLY E 44 -20.01 26.59 33.11
C GLY E 44 -21.28 25.86 33.49
N GLU E 45 -22.10 25.57 32.48
CA GLU E 45 -23.39 24.91 32.72
C GLU E 45 -23.27 23.42 32.39
N ARG E 46 -23.70 22.59 33.34
CA ARG E 46 -23.70 21.11 33.18
C ARG E 46 -24.58 20.73 32.02
N ILE E 47 -24.00 20.03 31.04
CA ILE E 47 -24.72 19.58 29.85
C ILE E 47 -25.54 18.35 30.24
N GLU E 48 -26.81 18.34 29.85
CA GLU E 48 -27.69 17.24 30.25
C GLU E 48 -27.57 15.98 29.42
N LYS E 49 -27.45 16.10 28.10
CA LYS E 49 -27.44 14.91 27.25
C LYS E 49 -26.01 14.39 27.17
N VAL E 50 -25.54 13.79 28.25
CA VAL E 50 -24.21 13.20 28.26
C VAL E 50 -24.33 11.70 28.49
N GLU E 51 -23.78 10.90 27.59
CA GLU E 51 -23.82 9.45 27.77
C GLU E 51 -22.45 8.94 28.15
N HIS E 52 -22.37 7.70 28.58
CA HIS E 52 -21.06 7.14 28.91
C HIS E 52 -20.96 5.70 28.48
N SER E 53 -19.72 5.26 28.27
CA SER E 53 -19.45 3.86 27.97
C SER E 53 -19.73 2.98 29.17
N ASP E 54 -19.85 1.68 28.92
CA ASP E 54 -20.04 0.73 29.94
C ASP E 54 -18.77 0.57 30.75
N LEU E 55 -18.94 0.49 32.07
CA LEU E 55 -17.82 0.34 32.99
C LEU E 55 -16.90 -0.82 32.62
N SER E 56 -15.61 -0.50 32.42
CA SER E 56 -14.63 -1.50 32.12
C SER E 56 -13.37 -1.13 32.89
N PHE E 57 -12.33 -1.94 32.73
CA PHE E 57 -11.10 -1.68 33.47
C PHE E 57 -9.89 -2.25 32.77
N SER E 58 -8.74 -1.75 33.19
CA SER E 58 -7.47 -2.03 32.56
C SER E 58 -6.80 -3.26 33.18
N LYS E 59 -5.66 -3.66 32.62
CA LYS E 59 -4.93 -4.82 33.13
C LYS E 59 -4.63 -4.66 34.62
N ASP E 60 -4.29 -3.44 35.03
CA ASP E 60 -4.02 -3.15 36.44
C ASP E 60 -5.27 -2.98 37.35
N TRP E 61 -6.46 -3.33 36.84
CA TRP E 61 -7.75 -3.28 37.58
C TRP E 61 -8.39 -1.88 37.70
N SER E 62 -7.67 -0.86 37.28
CA SER E 62 -8.19 0.49 37.39
C SER E 62 -9.26 0.71 36.29
N PHE E 63 -10.30 1.46 36.66
CA PHE E 63 -11.45 1.66 35.77
C PHE E 63 -11.25 2.72 34.72
N TYR E 64 -12.02 2.62 33.64
CA TYR E 64 -12.09 3.74 32.70
C TYR E 64 -13.48 3.86 32.15
N LEU E 65 -13.84 5.10 31.87
CA LEU E 65 -15.10 5.47 31.27
C LEU E 65 -14.89 6.61 30.28
N LEU E 66 -15.65 6.57 29.20
CA LEU E 66 -15.75 7.68 28.28
C LEU E 66 -17.12 8.32 28.41
N TYR E 67 -17.14 9.60 28.74
CA TYR E 67 -18.39 10.37 28.74
C TYR E 67 -18.40 11.23 27.50
N TYR E 68 -19.55 11.40 26.88
CA TYR E 68 -19.54 12.08 25.58
C TYR E 68 -20.86 12.70 25.26
N THR E 69 -20.78 13.74 24.42
CA THR E 69 -22.00 14.45 24.02
C THR E 69 -21.83 15.01 22.62
N GLU E 70 -22.90 15.05 21.83
CA GLU E 70 -22.83 15.75 20.55
C GLU E 70 -22.70 17.23 20.84
N PHE E 71 -21.86 17.89 20.05
CA PHE E 71 -21.78 19.34 20.11
C PHE E 71 -21.29 19.96 18.81
N THR E 72 -21.60 21.23 18.66
CA THR E 72 -21.08 22.01 17.54
C THR E 72 -20.26 23.15 18.14
N PRO E 73 -18.93 23.06 18.04
CA PRO E 73 -18.06 24.12 18.57
C PRO E 73 -18.38 25.45 17.89
N THR E 74 -18.25 26.52 18.66
CA THR E 74 -18.29 27.86 18.10
C THR E 74 -17.07 28.62 18.60
N GLU E 75 -16.89 29.82 18.06
CA GLU E 75 -15.81 30.71 18.46
C GLU E 75 -15.80 30.96 19.96
N LYS E 76 -16.96 31.32 20.53
CA LYS E 76 -17.00 31.86 21.88
C LYS E 76 -17.30 30.85 22.97
N ASP E 77 -17.94 29.74 22.63
CA ASP E 77 -18.29 28.74 23.65
C ASP E 77 -17.07 28.05 24.22
N GLU E 78 -17.04 28.02 25.54
CA GLU E 78 -16.00 27.29 26.28
C GLU E 78 -16.59 26.01 26.87
N TYR E 79 -15.78 24.96 26.90
CA TYR E 79 -16.23 23.67 27.42
C TYR E 79 -15.25 23.16 28.46
N ALA E 80 -15.73 22.31 29.34
CA ALA E 80 -14.91 21.73 30.40
C ALA E 80 -15.46 20.38 30.82
N CYS E 81 -14.63 19.60 31.52
CA CYS E 81 -15.08 18.37 32.16
C CYS E 81 -14.86 18.54 33.66
N ARG E 82 -15.88 18.17 34.45
CA ARG E 82 -15.79 18.27 35.91
C ARG E 82 -15.91 16.89 36.54
N VAL E 83 -14.91 16.52 37.34
CA VAL E 83 -14.85 15.17 37.87
C VAL E 83 -14.79 15.23 39.38
N ASN E 84 -15.60 14.39 39.98
CA ASN E 84 -15.59 14.17 41.43
C ASN E 84 -15.34 12.68 41.72
N HIS E 85 -14.49 12.44 42.71
CA HIS E 85 -14.08 11.09 43.07
C HIS E 85 -13.58 11.15 44.50
N VAL E 86 -13.66 10.03 45.20
CA VAL E 86 -13.19 9.96 46.60
C VAL E 86 -11.77 10.50 46.80
N THR E 87 -10.94 10.40 45.77
CA THR E 87 -9.53 10.80 45.77
C THR E 87 -9.32 12.30 45.67
N LEU E 88 -10.41 13.01 45.34
CA LEU E 88 -10.34 14.44 45.05
C LEU E 88 -11.05 15.21 46.15
N SER E 89 -10.31 16.13 46.77
CA SER E 89 -10.86 16.90 47.86
C SER E 89 -11.78 18.00 47.35
N GLN E 90 -11.59 18.39 46.10
CA GLN E 90 -12.39 19.41 45.40
C GLN E 90 -12.80 18.81 44.05
N PRO E 91 -13.97 19.17 43.50
CA PRO E 91 -14.18 18.71 42.13
C PRO E 91 -13.10 19.26 41.20
N LYS E 92 -12.70 18.44 40.23
CA LYS E 92 -11.60 18.79 39.39
C LYS E 92 -12.18 19.20 38.06
N ILE E 93 -11.83 20.41 37.62
CA ILE E 93 -12.32 20.95 36.35
C ILE E 93 -11.16 21.10 35.39
N VAL E 94 -11.32 20.46 34.23
CA VAL E 94 -10.33 20.45 33.18
C VAL E 94 -10.98 21.13 31.98
N LYS E 95 -10.44 22.28 31.61
CA LYS E 95 -10.99 23.01 30.46
C LYS E 95 -10.62 22.33 29.15
N TRP E 96 -11.57 22.34 28.21
CA TRP E 96 -11.28 21.90 26.86
C TRP E 96 -10.36 22.89 26.14
N ASP E 97 -9.25 22.39 25.59
CA ASP E 97 -8.38 23.22 24.77
C ASP E 97 -8.33 22.51 23.40
N ARG E 98 -8.86 23.15 22.36
CA ARG E 98 -8.92 22.49 21.05
C ARG E 98 -7.71 21.60 20.63
N ASP E 99 -6.50 21.94 21.11
CA ASP E 99 -5.33 21.18 20.72
C ASP E 99 -4.79 20.29 21.81
N MET E 100 -5.68 19.56 22.49
CA MET E 100 -5.31 18.66 23.58
C MET E 100 -6.26 17.43 23.69
N GLY F 1 -18.19 -15.60 23.38
CA GLY F 1 -19.16 -16.23 24.34
C GLY F 1 -18.54 -16.50 25.70
N ILE F 2 -19.30 -16.27 26.77
CA ILE F 2 -18.81 -16.45 28.15
C ILE F 2 -18.81 -17.90 28.66
N LEU F 3 -18.21 -18.11 29.83
CA LEU F 3 -18.10 -19.42 30.45
C LEU F 3 -19.48 -19.96 30.72
N GLY F 4 -19.64 -21.27 30.52
CA GLY F 4 -20.92 -21.93 30.66
C GLY F 4 -21.14 -22.54 32.03
N PHE F 5 -20.15 -22.39 32.90
CA PHE F 5 -20.26 -22.83 34.28
C PHE F 5 -19.68 -21.76 35.19
N VAL F 6 -20.04 -21.82 36.47
CA VAL F 6 -19.63 -20.84 37.45
C VAL F 6 -19.21 -21.57 38.73
N PHE F 7 -18.57 -20.81 39.61
CA PHE F 7 -18.00 -21.33 40.85
C PHE F 7 -17.72 -20.11 41.69
N THR F 8 -17.75 -20.29 43.01
CA THR F 8 -17.58 -19.19 43.93
C THR F 8 -16.21 -19.25 44.58
N LEU F 9 -15.71 -18.09 45.00
CA LEU F 9 -14.48 -17.96 45.76
C LEU F 9 -14.57 -18.59 47.17
#